data_1S8K
#
_entry.id   1S8K
#
_entity_poly.entity_id   1
_entity_poly.type   'polypeptide(L)'
_entity_poly.pdbx_seq_one_letter_code
;(PCA)TQCQSVRDCQQYCLTPDRCSYGTCYCKTT(NH2)
;
_entity_poly.pdbx_strand_id   A
#
loop_
_chem_comp.id
_chem_comp.type
_chem_comp.name
_chem_comp.formula
NH2 non-polymer 'AMINO GROUP' 'H2 N'
#
# COMPACT_ATOMS: atom_id res chain seq x y z
N PCA A 1 10.38 1.31 9.63
CA PCA A 1 8.96 1.04 9.77
CB PCA A 1 8.44 2.13 10.72
CG PCA A 1 9.44 3.27 10.47
CD PCA A 1 10.67 2.57 9.94
OE PCA A 1 11.78 3.10 9.94
C PCA A 1 8.31 1.12 8.40
O PCA A 1 7.86 2.20 7.99
HA PCA A 1 8.78 0.06 10.21
HB2 PCA A 1 8.56 1.79 11.76
HB3 PCA A 1 7.41 2.43 10.55
HG2 PCA A 1 9.05 3.96 9.72
HG3 PCA A 1 9.66 3.81 11.40
N THR A 2 8.30 0.01 7.67
CA THR A 2 7.80 -0.10 6.32
C THR A 2 6.70 -1.16 6.31
N GLN A 3 5.45 -0.72 6.33
CA GLN A 3 4.30 -1.63 6.21
C GLN A 3 4.37 -2.48 4.94
N CYS A 4 4.97 -1.93 3.87
CA CYS A 4 5.06 -2.56 2.57
C CYS A 4 6.46 -2.39 2.02
N GLN A 5 6.79 -3.25 1.06
CA GLN A 5 7.98 -3.20 0.25
C GLN A 5 7.65 -2.57 -1.10
N SER A 6 6.47 -2.86 -1.65
CA SER A 6 6.12 -2.47 -3.01
C SER A 6 4.59 -2.50 -3.16
N VAL A 7 4.06 -1.88 -4.22
CA VAL A 7 2.63 -1.80 -4.47
C VAL A 7 1.93 -3.16 -4.31
N ARG A 8 2.58 -4.26 -4.74
CA ARG A 8 2.29 -5.65 -4.44
C ARG A 8 1.62 -5.85 -3.08
N ASP A 9 2.25 -5.34 -2.03
CA ASP A 9 1.82 -5.45 -0.65
C ASP A 9 0.45 -4.79 -0.50
N CYS A 10 0.32 -3.57 -1.04
CA CYS A 10 -0.99 -2.94 -1.02
C CYS A 10 -1.98 -3.68 -1.91
N GLN A 11 -1.57 -4.29 -3.02
CA GLN A 11 -2.50 -4.92 -3.96
C GLN A 11 -3.27 -6.04 -3.27
N GLN A 12 -2.61 -6.82 -2.39
CA GLN A 12 -3.31 -7.78 -1.57
C GLN A 12 -4.15 -7.08 -0.48
N TYR A 13 -3.66 -5.97 0.08
CA TYR A 13 -4.37 -5.23 1.12
C TYR A 13 -5.68 -4.57 0.66
N CYS A 14 -5.67 -4.02 -0.56
CA CYS A 14 -6.62 -3.05 -1.10
C CYS A 14 -6.85 -3.37 -2.58
N LEU A 15 -8.10 -3.28 -3.04
CA LEU A 15 -8.43 -3.51 -4.43
C LEU A 15 -7.76 -2.46 -5.32
N THR A 16 -7.77 -1.19 -4.90
CA THR A 16 -7.19 -0.09 -5.67
C THR A 16 -6.22 0.75 -4.82
N PRO A 17 -4.99 0.29 -4.60
CA PRO A 17 -4.02 1.07 -3.90
C PRO A 17 -3.62 2.33 -4.65
N ASP A 18 -3.07 3.29 -3.91
CA ASP A 18 -2.49 4.50 -4.46
C ASP A 18 -1.00 4.24 -4.65
N ARG A 19 -0.29 3.96 -3.56
CA ARG A 19 1.13 3.67 -3.59
C ARG A 19 1.55 2.88 -2.37
N CYS A 20 2.55 2.02 -2.53
CA CYS A 20 3.46 1.73 -1.42
C CYS A 20 4.43 2.90 -1.36
N SER A 21 4.34 3.73 -0.32
CA SER A 21 5.11 4.95 -0.21
C SER A 21 5.09 5.36 1.26
N TYR A 22 6.07 6.16 1.70
CA TYR A 22 6.15 6.63 3.09
C TYR A 22 6.03 5.48 4.10
N GLY A 23 6.55 4.30 3.74
CA GLY A 23 6.49 3.09 4.55
C GLY A 23 5.08 2.72 5.01
N THR A 24 4.04 3.10 4.26
CA THR A 24 2.64 2.91 4.62
C THR A 24 1.85 2.81 3.32
N CYS A 25 1.24 1.65 3.05
CA CYS A 25 0.63 1.43 1.75
C CYS A 25 -0.66 2.25 1.63
N TYR A 26 -0.57 3.36 0.89
CA TYR A 26 -1.63 4.30 0.62
C TYR A 26 -2.64 3.62 -0.29
N CYS A 27 -3.94 3.71 0.01
CA CYS A 27 -5.00 3.21 -0.85
C CYS A 27 -5.84 4.35 -1.41
N LYS A 28 -6.22 4.24 -2.69
CA LYS A 28 -6.77 5.35 -3.44
C LYS A 28 -8.21 5.65 -3.01
N THR A 29 -8.97 4.61 -2.66
CA THR A 29 -10.32 4.74 -2.15
C THR A 29 -10.61 3.53 -1.27
N THR A 30 -10.28 3.62 0.02
CA THR A 30 -10.55 2.58 1.01
C THR A 30 -10.61 3.27 2.37
N NH2 A 31 -11.40 2.75 3.31
HN1 NH2 A 31 -11.93 1.91 3.12
HN2 NH2 A 31 -11.46 3.21 4.20
N PCA A 1 11.24 -1.69 5.04
CA PCA A 1 9.84 -2.07 5.06
CB PCA A 1 9.85 -3.59 5.28
CG PCA A 1 11.15 -3.77 6.07
CD PCA A 1 12.00 -2.57 5.67
OE PCA A 1 13.21 -2.57 5.79
C PCA A 1 9.13 -1.40 6.24
O PCA A 1 9.77 -1.02 7.23
HA PCA A 1 9.34 -1.81 4.13
HB2 PCA A 1 9.95 -4.08 4.31
HB3 PCA A 1 8.98 -3.97 5.80
HG2 PCA A 1 10.94 -3.73 7.13
HG3 PCA A 1 11.64 -4.72 5.82
N THR A 2 7.81 -1.25 6.15
CA THR A 2 7.01 -0.75 7.26
C THR A 2 5.66 -1.46 7.22
N GLN A 3 4.55 -0.74 7.03
CA GLN A 3 3.27 -1.38 6.76
C GLN A 3 3.35 -2.21 5.48
N CYS A 4 4.19 -1.77 4.54
CA CYS A 4 4.46 -2.40 3.26
C CYS A 4 5.95 -2.38 3.00
N GLN A 5 6.40 -3.35 2.22
CA GLN A 5 7.73 -3.39 1.61
C GLN A 5 7.75 -2.47 0.39
N SER A 6 6.68 -2.52 -0.41
CA SER A 6 6.53 -1.82 -1.68
C SER A 6 5.06 -1.95 -2.08
N VAL A 7 4.63 -1.30 -3.18
CA VAL A 7 3.25 -1.32 -3.63
C VAL A 7 2.66 -2.74 -3.69
N ARG A 8 3.47 -3.72 -4.09
CA ARG A 8 3.14 -5.13 -4.09
C ARG A 8 2.51 -5.59 -2.77
N ASP A 9 3.01 -5.10 -1.64
CA ASP A 9 2.44 -5.42 -0.35
C ASP A 9 1.02 -4.87 -0.28
N CYS A 10 0.84 -3.60 -0.67
CA CYS A 10 -0.52 -3.09 -0.71
C CYS A 10 -1.37 -3.91 -1.68
N GLN A 11 -0.82 -4.43 -2.79
CA GLN A 11 -1.63 -5.19 -3.74
C GLN A 11 -2.32 -6.38 -3.07
N GLN A 12 -1.68 -7.06 -2.10
CA GLN A 12 -2.32 -8.09 -1.33
C GLN A 12 -3.28 -7.49 -0.29
N TYR A 13 -3.00 -6.28 0.20
CA TYR A 13 -3.81 -5.59 1.21
C TYR A 13 -5.13 -5.02 0.65
N CYS A 14 -5.11 -4.54 -0.60
CA CYS A 14 -6.09 -3.67 -1.22
C CYS A 14 -6.18 -4.05 -2.70
N LEU A 15 -7.39 -4.08 -3.25
CA LEU A 15 -7.59 -4.34 -4.67
C LEU A 15 -6.93 -3.26 -5.52
N THR A 16 -7.07 -1.98 -5.13
CA THR A 16 -6.54 -0.85 -5.88
C THR A 16 -5.74 0.11 -4.97
N PRO A 17 -4.49 -0.24 -4.64
CA PRO A 17 -3.65 0.63 -3.86
C PRO A 17 -3.30 1.91 -4.62
N ASP A 18 -2.89 2.93 -3.86
CA ASP A 18 -2.40 4.21 -4.34
C ASP A 18 -0.88 4.14 -4.36
N ARG A 19 -0.26 3.93 -3.20
CA ARG A 19 1.17 3.85 -3.07
C ARG A 19 1.55 3.10 -1.80
N CYS A 20 2.71 2.44 -1.83
CA CYS A 20 3.48 2.21 -0.61
C CYS A 20 4.36 3.44 -0.46
N SER A 21 4.11 4.28 0.54
CA SER A 21 4.73 5.58 0.67
C SER A 21 4.59 6.04 2.11
N TYR A 22 5.58 6.75 2.65
CA TYR A 22 5.64 7.11 4.07
C TYR A 22 5.44 5.85 4.95
N GLY A 23 6.05 4.74 4.54
CA GLY A 23 5.93 3.45 5.22
C GLY A 23 4.49 2.97 5.41
N THR A 24 3.56 3.51 4.62
CA THR A 24 2.13 3.31 4.71
C THR A 24 1.66 2.81 3.34
N CYS A 25 0.80 1.80 3.31
CA CYS A 25 0.22 1.33 2.06
C CYS A 25 -1.11 2.08 1.83
N TYR A 26 -1.00 3.24 1.20
CA TYR A 26 -2.10 4.09 0.80
C TYR A 26 -2.94 3.34 -0.24
N CYS A 27 -4.27 3.39 -0.15
CA CYS A 27 -5.18 2.81 -1.13
C CYS A 27 -6.13 3.86 -1.70
N LYS A 28 -6.57 3.66 -2.95
CA LYS A 28 -7.50 4.57 -3.62
C LYS A 28 -8.90 4.30 -3.07
N THR A 29 -9.11 4.61 -1.80
CA THR A 29 -10.37 4.41 -1.10
C THR A 29 -10.45 5.46 0.02
N THR A 30 -10.29 6.73 -0.36
CA THR A 30 -10.17 7.86 0.54
C THR A 30 -11.52 8.22 1.18
N NH2 A 31 -12.09 7.31 1.97
HN1 NH2 A 31 -11.64 6.42 2.09
HN2 NH2 A 31 -12.97 7.51 2.40
N PCA A 1 10.42 -2.53 9.52
CA PCA A 1 9.69 -1.61 10.39
CB PCA A 1 10.79 -0.90 11.21
CG PCA A 1 11.97 -0.95 10.24
CD PCA A 1 11.68 -2.15 9.36
OE PCA A 1 12.56 -2.69 8.70
C PCA A 1 8.92 -0.65 9.49
O PCA A 1 9.18 0.55 9.47
HA PCA A 1 9.00 -2.14 11.03
HB2 PCA A 1 11.02 -1.53 12.08
HB3 PCA A 1 10.53 0.10 11.54
HG2 PCA A 1 12.00 -0.04 9.64
HG3 PCA A 1 12.92 -1.05 10.79
N THR A 2 7.99 -1.19 8.70
CA THR A 2 7.18 -0.51 7.72
C THR A 2 5.95 -1.42 7.58
N GLN A 3 4.86 -0.87 7.07
CA GLN A 3 3.68 -1.65 6.68
C GLN A 3 4.02 -2.52 5.48
N CYS A 4 4.78 -1.95 4.54
CA CYS A 4 5.01 -2.50 3.22
C CYS A 4 6.42 -2.18 2.76
N GLN A 5 6.87 -2.97 1.79
CA GLN A 5 8.14 -2.79 1.09
C GLN A 5 7.89 -2.31 -0.34
N SER A 6 6.73 -2.59 -0.93
CA SER A 6 6.44 -2.26 -2.32
C SER A 6 4.93 -2.31 -2.52
N VAL A 7 4.40 -1.61 -3.53
CA VAL A 7 2.97 -1.50 -3.76
C VAL A 7 2.25 -2.86 -3.73
N ARG A 8 2.90 -3.93 -4.17
CA ARG A 8 2.41 -5.30 -4.09
C ARG A 8 1.85 -5.64 -2.70
N ASP A 9 2.54 -5.21 -1.65
CA ASP A 9 2.08 -5.36 -0.28
C ASP A 9 0.69 -4.73 -0.17
N CYS A 10 0.56 -3.48 -0.61
CA CYS A 10 -0.76 -2.88 -0.63
C CYS A 10 -1.72 -3.65 -1.54
N GLN A 11 -1.27 -4.19 -2.68
CA GLN A 11 -2.18 -4.93 -3.56
C GLN A 11 -2.84 -6.09 -2.81
N GLN A 12 -2.11 -6.77 -1.93
CA GLN A 12 -2.71 -7.80 -1.11
C GLN A 12 -3.66 -7.19 -0.06
N TYR A 13 -3.40 -5.95 0.36
CA TYR A 13 -4.16 -5.24 1.39
C TYR A 13 -5.47 -4.63 0.86
N CYS A 14 -5.46 -4.15 -0.39
CA CYS A 14 -6.43 -3.23 -0.97
C CYS A 14 -6.62 -3.57 -2.44
N LEU A 15 -7.86 -3.51 -2.93
CA LEU A 15 -8.15 -3.68 -4.35
C LEU A 15 -7.46 -2.59 -5.16
N THR A 16 -7.51 -1.33 -4.68
CA THR A 16 -7.05 -0.18 -5.46
C THR A 16 -6.08 0.69 -4.65
N PRO A 17 -4.84 0.22 -4.42
CA PRO A 17 -3.91 1.01 -3.66
C PRO A 17 -3.49 2.29 -4.37
N ASP A 18 -2.73 3.10 -3.64
CA ASP A 18 -2.06 4.25 -4.17
C ASP A 18 -0.59 3.93 -4.31
N ARG A 19 0.08 3.64 -3.18
CA ARG A 19 1.51 3.40 -3.17
C ARG A 19 1.85 2.68 -1.88
N CYS A 20 2.91 1.89 -1.93
CA CYS A 20 3.75 1.78 -0.74
C CYS A 20 4.59 3.05 -0.72
N SER A 21 4.36 3.94 0.24
CA SER A 21 5.00 5.23 0.32
C SER A 21 5.05 5.68 1.77
N TYR A 22 6.15 6.33 2.19
CA TYR A 22 6.42 6.65 3.59
C TYR A 22 6.28 5.39 4.46
N GLY A 23 6.79 4.25 3.98
CA GLY A 23 6.69 2.96 4.67
C GLY A 23 5.26 2.54 5.02
N THR A 24 4.27 3.15 4.37
CA THR A 24 2.85 3.00 4.63
C THR A 24 2.23 2.56 3.31
N CYS A 25 1.31 1.58 3.33
CA CYS A 25 0.60 1.21 2.12
C CYS A 25 -0.61 2.15 1.99
N TYR A 26 -0.40 3.26 1.29
CA TYR A 26 -1.46 4.18 0.94
C TYR A 26 -2.42 3.44 0.02
N CYS A 27 -3.73 3.49 0.31
CA CYS A 27 -4.75 3.07 -0.64
C CYS A 27 -5.57 4.26 -1.10
N LYS A 28 -6.16 4.15 -2.28
CA LYS A 28 -7.22 5.07 -2.72
C LYS A 28 -8.53 4.30 -2.92
N THR A 29 -8.73 3.22 -2.17
CA THR A 29 -9.93 2.39 -2.20
C THR A 29 -11.10 3.15 -1.54
N THR A 30 -11.58 4.22 -2.20
CA THR A 30 -12.69 5.02 -1.73
C THR A 30 -13.29 5.78 -2.92
N NH2 A 31 -14.21 6.69 -2.66
HN1 NH2 A 31 -14.40 6.89 -1.69
HN2 NH2 A 31 -14.64 7.21 -3.40
N PCA A 1 9.03 -2.82 10.27
CA PCA A 1 10.01 -3.03 9.21
CB PCA A 1 9.97 -4.54 8.95
CG PCA A 1 8.51 -4.87 9.29
CD PCA A 1 8.12 -3.81 10.29
OE PCA A 1 7.18 -3.93 11.05
C PCA A 1 9.62 -2.23 7.97
O PCA A 1 9.97 -2.61 6.86
HA PCA A 1 11.00 -2.73 9.54
HB2 PCA A 1 10.62 -5.04 9.67
HB3 PCA A 1 10.24 -4.84 7.95
HG2 PCA A 1 7.88 -4.78 8.40
HG3 PCA A 1 8.42 -5.87 9.72
N THR A 2 8.90 -1.12 8.16
CA THR A 2 8.09 -0.44 7.14
C THR A 2 6.75 -1.17 7.04
N GLN A 3 5.66 -0.41 6.90
CA GLN A 3 4.33 -0.99 6.75
C GLN A 3 4.25 -1.89 5.52
N CYS A 4 4.98 -1.54 4.46
CA CYS A 4 5.00 -2.25 3.19
C CYS A 4 6.40 -2.14 2.61
N GLN A 5 6.72 -3.10 1.74
CA GLN A 5 7.90 -3.15 0.91
C GLN A 5 7.58 -2.45 -0.41
N SER A 6 6.39 -2.69 -0.95
CA SER A 6 6.03 -2.27 -2.29
C SER A 6 4.51 -2.31 -2.44
N VAL A 7 3.97 -1.78 -3.53
CA VAL A 7 2.53 -1.78 -3.78
C VAL A 7 1.90 -3.17 -3.62
N ARG A 8 2.64 -4.23 -3.96
CA ARG A 8 2.30 -5.64 -3.71
C ARG A 8 1.69 -5.86 -2.31
N ASP A 9 2.28 -5.24 -1.28
CA ASP A 9 1.82 -5.33 0.09
C ASP A 9 0.42 -4.74 0.17
N CYS A 10 0.29 -3.48 -0.28
CA CYS A 10 -1.02 -2.87 -0.25
C CYS A 10 -2.02 -3.63 -1.09
N GLN A 11 -1.63 -4.27 -2.20
CA GLN A 11 -2.57 -5.01 -3.04
C GLN A 11 -3.25 -6.13 -2.25
N GLN A 12 -2.61 -6.65 -1.20
CA GLN A 12 -3.23 -7.61 -0.30
C GLN A 12 -4.14 -6.87 0.68
N TYR A 13 -3.69 -5.74 1.20
CA TYR A 13 -4.43 -4.95 2.19
C TYR A 13 -5.74 -4.36 1.64
N CYS A 14 -5.69 -3.86 0.41
CA CYS A 14 -6.67 -2.99 -0.23
C CYS A 14 -6.91 -3.48 -1.65
N LEU A 15 -8.16 -3.45 -2.11
CA LEU A 15 -8.51 -3.80 -3.48
C LEU A 15 -7.82 -2.81 -4.44
N THR A 16 -7.91 -1.50 -4.15
CA THR A 16 -7.33 -0.46 -4.99
C THR A 16 -6.41 0.44 -4.17
N PRO A 17 -5.14 0.05 -3.98
CA PRO A 17 -4.16 0.90 -3.37
C PRO A 17 -3.78 2.09 -4.24
N ASP A 18 -3.20 3.11 -3.60
CA ASP A 18 -2.63 4.29 -4.24
C ASP A 18 -1.15 4.02 -4.47
N ARG A 19 -0.41 3.82 -3.37
CA ARG A 19 1.01 3.57 -3.41
C ARG A 19 1.46 2.88 -2.12
N CYS A 20 2.56 2.13 -2.19
CA CYS A 20 3.43 1.94 -1.05
C CYS A 20 4.43 3.09 -1.10
N SER A 21 4.36 4.03 -0.16
CA SER A 21 5.08 5.29 -0.22
C SER A 21 5.11 5.92 1.17
N TYR A 22 6.13 6.74 1.44
CA TYR A 22 6.30 7.41 2.73
C TYR A 22 6.20 6.41 3.91
N GLY A 23 6.74 5.20 3.70
CA GLY A 23 6.67 4.11 4.66
C GLY A 23 5.23 3.80 5.09
N THR A 24 4.28 3.82 4.15
CA THR A 24 2.88 3.55 4.41
C THR A 24 2.26 3.01 3.12
N CYS A 25 1.28 2.10 3.22
CA CYS A 25 0.54 1.63 2.06
C CYS A 25 -0.74 2.48 1.94
N TYR A 26 -0.63 3.54 1.14
CA TYR A 26 -1.70 4.47 0.82
C TYR A 26 -2.72 3.72 -0.03
N CYS A 27 -4.02 3.85 0.26
CA CYS A 27 -5.09 3.32 -0.58
C CYS A 27 -5.87 4.41 -1.29
N LYS A 28 -6.30 4.14 -2.54
CA LYS A 28 -6.74 5.17 -3.46
C LYS A 28 -8.19 5.55 -3.17
N THR A 29 -9.07 4.56 -3.20
CA THR A 29 -10.48 4.73 -2.90
C THR A 29 -11.07 3.41 -2.41
N THR A 30 -10.25 2.58 -1.74
CA THR A 30 -10.71 1.35 -1.13
C THR A 30 -11.45 1.72 0.17
N NH2 A 31 -12.66 2.27 0.03
HN1 NH2 A 31 -12.99 2.48 -0.90
HN2 NH2 A 31 -13.17 2.54 0.86
N PCA A 1 10.38 -1.61 4.17
CA PCA A 1 9.76 -2.54 5.09
CB PCA A 1 10.87 -3.54 5.44
CG PCA A 1 12.14 -2.72 5.23
CD PCA A 1 11.71 -1.64 4.25
OE PCA A 1 12.51 -1.01 3.58
C PCA A 1 9.30 -1.76 6.32
O PCA A 1 9.96 -1.75 7.35
HA PCA A 1 8.93 -3.05 4.64
HB2 PCA A 1 10.86 -4.35 4.69
HB3 PCA A 1 10.80 -3.97 6.44
HG2 PCA A 1 12.44 -2.25 6.17
HG3 PCA A 1 12.96 -3.32 4.83
N THR A 2 8.14 -1.10 6.20
CA THR A 2 7.42 -0.50 7.31
C THR A 2 6.11 -1.27 7.45
N GLN A 3 4.96 -0.63 7.25
CA GLN A 3 3.71 -1.35 6.99
C GLN A 3 3.90 -2.34 5.83
N CYS A 4 4.60 -1.87 4.82
CA CYS A 4 4.85 -2.56 3.56
C CYS A 4 6.28 -2.32 3.14
N GLN A 5 6.73 -3.13 2.19
CA GLN A 5 7.99 -2.99 1.47
C GLN A 5 7.71 -2.39 0.09
N SER A 6 6.61 -2.79 -0.55
CA SER A 6 6.23 -2.29 -1.86
C SER A 6 4.73 -2.37 -2.06
N VAL A 7 4.28 -1.81 -3.17
CA VAL A 7 2.87 -1.73 -3.49
C VAL A 7 2.19 -3.10 -3.39
N ARG A 8 2.90 -4.17 -3.75
CA ARG A 8 2.46 -5.56 -3.67
C ARG A 8 1.92 -5.92 -2.28
N ASP A 9 2.56 -5.46 -1.21
CA ASP A 9 2.08 -5.62 0.15
C ASP A 9 0.67 -5.03 0.23
N CYS A 10 0.54 -3.78 -0.21
CA CYS A 10 -0.77 -3.19 -0.23
C CYS A 10 -1.73 -3.93 -1.15
N GLN A 11 -1.27 -4.51 -2.27
CA GLN A 11 -2.17 -5.22 -3.18
C GLN A 11 -2.87 -6.38 -2.46
N GLN A 12 -2.24 -6.95 -1.44
CA GLN A 12 -2.89 -7.93 -0.57
C GLN A 12 -3.89 -7.21 0.35
N TYR A 13 -3.48 -6.09 0.94
CA TYR A 13 -4.30 -5.35 1.89
C TYR A 13 -5.58 -4.75 1.29
N CYS A 14 -5.48 -4.28 0.05
CA CYS A 14 -6.41 -3.40 -0.66
C CYS A 14 -6.49 -3.85 -2.10
N LEU A 15 -7.70 -3.86 -2.68
CA LEU A 15 -7.87 -4.22 -4.08
C LEU A 15 -7.14 -3.21 -4.97
N THR A 16 -7.28 -1.91 -4.68
CA THR A 16 -6.67 -0.83 -5.45
C THR A 16 -5.86 0.14 -4.56
N PRO A 17 -4.63 -0.25 -4.19
CA PRO A 17 -3.75 0.63 -3.47
C PRO A 17 -3.36 1.85 -4.29
N ASP A 18 -2.93 2.89 -3.59
CA ASP A 18 -2.34 4.10 -4.12
C ASP A 18 -0.84 3.82 -4.27
N ARG A 19 -0.19 3.55 -3.13
CA ARG A 19 1.25 3.33 -3.09
C ARG A 19 1.59 2.64 -1.78
N CYS A 20 2.69 1.88 -1.80
CA CYS A 20 3.53 1.77 -0.61
C CYS A 20 4.44 2.99 -0.64
N SER A 21 4.28 3.93 0.28
CA SER A 21 4.96 5.21 0.26
C SER A 21 4.92 5.79 1.67
N TYR A 22 5.89 6.64 2.03
CA TYR A 22 5.99 7.22 3.37
C TYR A 22 5.90 6.14 4.46
N GLY A 23 6.50 4.98 4.20
CA GLY A 23 6.43 3.82 5.08
C GLY A 23 4.99 3.46 5.43
N THR A 24 4.07 3.51 4.46
CA THR A 24 2.65 3.30 4.67
C THR A 24 2.05 2.77 3.38
N CYS A 25 1.12 1.80 3.47
CA CYS A 25 0.43 1.29 2.30
C CYS A 25 -0.87 2.08 2.11
N TYR A 26 -0.75 3.16 1.34
CA TYR A 26 -1.83 4.07 0.98
C TYR A 26 -2.76 3.37 -0.01
N CYS A 27 -4.09 3.55 0.12
CA CYS A 27 -5.07 2.99 -0.79
C CYS A 27 -6.02 4.04 -1.35
N LYS A 28 -6.52 3.83 -2.58
CA LYS A 28 -7.42 4.77 -3.23
C LYS A 28 -8.86 4.54 -2.73
N THR A 29 -9.04 4.29 -1.44
CA THR A 29 -10.33 3.98 -0.84
C THR A 29 -11.06 5.30 -0.59
N THR A 30 -11.48 5.96 -1.66
CA THR A 30 -12.22 7.21 -1.63
C THR A 30 -12.86 7.43 -3.00
N NH2 A 31 -13.42 8.61 -3.24
HN1 NH2 A 31 -13.33 9.32 -2.52
HN2 NH2 A 31 -13.87 8.80 -4.13
N PCA A 1 9.39 -0.04 10.46
CA PCA A 1 8.86 1.24 10.01
CB PCA A 1 10.06 2.19 10.02
CG PCA A 1 11.22 1.23 9.75
CD PCA A 1 10.71 -0.10 10.27
OE PCA A 1 11.46 -1.03 10.54
C PCA A 1 8.24 1.10 8.62
O PCA A 1 8.29 2.03 7.82
HA PCA A 1 8.09 1.60 10.71
HB2 PCA A 1 10.19 2.61 11.02
HB3 PCA A 1 10.02 3.01 9.29
HG2 PCA A 1 11.40 1.15 8.68
HG3 PCA A 1 12.13 1.55 10.26
N THR A 2 7.69 -0.08 8.31
CA THR A 2 7.20 -0.43 7.00
C THR A 2 5.96 -1.31 7.14
N GLN A 3 4.77 -0.75 6.93
CA GLN A 3 3.56 -1.54 6.68
C GLN A 3 3.77 -2.44 5.46
N CYS A 4 4.47 -1.89 4.46
CA CYS A 4 4.68 -2.48 3.16
C CYS A 4 6.11 -2.23 2.72
N GLN A 5 6.59 -3.12 1.87
CA GLN A 5 7.86 -3.01 1.17
C GLN A 5 7.62 -2.48 -0.24
N SER A 6 6.47 -2.79 -0.84
CA SER A 6 6.14 -2.32 -2.18
C SER A 6 4.65 -2.35 -2.40
N VAL A 7 4.24 -1.82 -3.54
CA VAL A 7 2.85 -1.75 -3.92
C VAL A 7 2.15 -3.11 -3.78
N ARG A 8 2.87 -4.21 -4.07
CA ARG A 8 2.45 -5.58 -3.85
C ARG A 8 1.74 -5.79 -2.51
N ASP A 9 2.36 -5.31 -1.43
CA ASP A 9 1.85 -5.41 -0.09
C ASP A 9 0.48 -4.75 -0.04
N CYS A 10 0.38 -3.51 -0.52
CA CYS A 10 -0.92 -2.88 -0.58
C CYS A 10 -1.88 -3.67 -1.47
N GLN A 11 -1.42 -4.24 -2.59
CA GLN A 11 -2.30 -4.99 -3.49
C GLN A 11 -2.95 -6.14 -2.73
N GLN A 12 -2.19 -6.80 -1.84
CA GLN A 12 -2.77 -7.80 -0.96
C GLN A 12 -3.87 -7.20 -0.09
N TYR A 13 -3.64 -6.00 0.47
CA TYR A 13 -4.58 -5.35 1.38
C TYR A 13 -5.74 -4.63 0.69
N CYS A 14 -5.63 -4.26 -0.59
CA CYS A 14 -6.50 -3.32 -1.29
C CYS A 14 -6.56 -3.68 -2.76
N LEU A 15 -7.76 -3.68 -3.36
CA LEU A 15 -7.91 -3.96 -4.79
C LEU A 15 -7.20 -2.89 -5.62
N THR A 16 -7.30 -1.61 -5.25
CA THR A 16 -6.72 -0.50 -6.00
C THR A 16 -5.88 0.42 -5.10
N PRO A 17 -4.65 0.01 -4.76
CA PRO A 17 -3.78 0.86 -3.99
C PRO A 17 -3.40 2.15 -4.69
N ASP A 18 -3.11 3.17 -3.89
CA ASP A 18 -2.51 4.43 -4.31
C ASP A 18 -1.02 4.15 -4.49
N ARG A 19 -0.36 3.75 -3.40
CA ARG A 19 1.07 3.48 -3.37
C ARG A 19 1.38 2.63 -2.14
N CYS A 20 2.53 1.97 -2.16
CA CYS A 20 3.31 1.82 -0.93
C CYS A 20 4.22 3.04 -0.87
N SER A 21 4.09 3.88 0.15
CA SER A 21 4.78 5.16 0.22
C SER A 21 4.85 5.62 1.67
N TYR A 22 5.94 6.28 2.07
CA TYR A 22 6.20 6.66 3.47
C TYR A 22 6.00 5.46 4.41
N GLY A 23 6.52 4.29 4.02
CA GLY A 23 6.40 3.04 4.77
C GLY A 23 4.95 2.68 5.10
N THR A 24 3.99 3.20 4.34
CA THR A 24 2.56 3.09 4.56
C THR A 24 1.94 2.59 3.26
N CYS A 25 1.01 1.64 3.33
CA CYS A 25 0.25 1.26 2.15
C CYS A 25 -0.98 2.17 2.09
N TYR A 26 -1.05 2.98 1.04
CA TYR A 26 -2.08 3.98 0.76
C TYR A 26 -3.00 3.39 -0.30
N CYS A 27 -4.32 3.58 -0.17
CA CYS A 27 -5.30 3.04 -1.11
C CYS A 27 -6.18 4.12 -1.72
N LYS A 28 -6.46 4.01 -3.03
CA LYS A 28 -7.42 4.85 -3.72
C LYS A 28 -8.81 4.35 -3.34
N THR A 29 -9.18 4.56 -2.07
CA THR A 29 -10.43 4.10 -1.51
C THR A 29 -10.78 5.04 -0.35
N THR A 30 -10.91 6.33 -0.68
CA THR A 30 -11.03 7.43 0.26
C THR A 30 -12.41 7.46 0.96
N NH2 A 31 -12.73 6.43 1.73
HN1 NH2 A 31 -12.08 5.64 1.80
HN2 NH2 A 31 -13.62 6.41 2.20
N PCA A 1 9.79 -1.94 4.02
CA PCA A 1 9.82 -2.82 5.18
CB PCA A 1 11.32 -2.95 5.52
CG PCA A 1 11.85 -1.59 5.04
CD PCA A 1 10.87 -1.18 3.97
OE PCA A 1 11.16 -0.37 3.09
C PCA A 1 9.03 -2.20 6.34
O PCA A 1 9.39 -2.37 7.50
HA PCA A 1 9.39 -3.80 4.94
HB2 PCA A 1 11.75 -3.73 4.89
HB3 PCA A 1 11.53 -3.15 6.56
HG2 PCA A 1 11.81 -0.87 5.86
HG3 PCA A 1 12.86 -1.68 4.67
N THR A 2 7.95 -1.47 6.03
CA THR A 2 7.12 -0.78 7.01
C THR A 2 5.75 -1.46 7.01
N GLN A 3 4.67 -0.74 6.68
CA GLN A 3 3.42 -1.39 6.30
C GLN A 3 3.65 -2.30 5.10
N CYS A 4 4.57 -1.90 4.24
CA CYS A 4 4.90 -2.53 2.98
C CYS A 4 6.34 -2.16 2.65
N GLN A 5 6.85 -2.83 1.62
CA GLN A 5 8.11 -2.56 0.94
C GLN A 5 7.83 -1.95 -0.44
N SER A 6 6.75 -2.37 -1.11
CA SER A 6 6.43 -1.93 -2.47
C SER A 6 4.94 -2.12 -2.73
N VAL A 7 4.37 -1.46 -3.74
CA VAL A 7 2.94 -1.47 -4.01
C VAL A 7 2.36 -2.90 -4.09
N ARG A 8 3.18 -3.83 -4.60
CA ARG A 8 3.06 -5.29 -4.48
C ARG A 8 2.32 -5.73 -3.20
N ASP A 9 2.77 -5.20 -2.08
CA ASP A 9 2.35 -5.54 -0.74
C ASP A 9 0.95 -4.99 -0.51
N CYS A 10 0.76 -3.70 -0.82
CA CYS A 10 -0.59 -3.18 -0.76
C CYS A 10 -1.52 -3.96 -1.67
N GLN A 11 -1.05 -4.50 -2.81
CA GLN A 11 -1.95 -5.24 -3.68
C GLN A 11 -2.51 -6.50 -3.00
N GLN A 12 -1.93 -6.96 -1.88
CA GLN A 12 -2.61 -7.90 -0.98
C GLN A 12 -3.60 -7.14 -0.09
N TYR A 13 -3.13 -6.06 0.54
CA TYR A 13 -3.88 -5.36 1.58
C TYR A 13 -5.20 -4.75 1.10
N CYS A 14 -5.20 -4.24 -0.13
CA CYS A 14 -6.22 -3.41 -0.76
C CYS A 14 -6.43 -3.90 -2.18
N LEU A 15 -7.67 -3.85 -2.66
CA LEU A 15 -8.00 -4.19 -4.04
C LEU A 15 -7.30 -3.19 -4.97
N THR A 16 -7.43 -1.89 -4.66
CA THR A 16 -6.91 -0.81 -5.50
C THR A 16 -6.02 0.15 -4.71
N PRO A 17 -4.77 -0.23 -4.43
CA PRO A 17 -3.85 0.64 -3.75
C PRO A 17 -3.50 1.88 -4.56
N ASP A 18 -3.02 2.90 -3.85
CA ASP A 18 -2.48 4.13 -4.39
C ASP A 18 -0.99 3.88 -4.58
N ARG A 19 -0.29 3.60 -3.47
CA ARG A 19 1.14 3.40 -3.48
C ARG A 19 1.54 2.71 -2.17
N CYS A 20 2.64 1.95 -2.21
CA CYS A 20 3.49 1.85 -1.04
C CYS A 20 4.36 3.11 -1.05
N SER A 21 4.15 4.02 -0.11
CA SER A 21 4.81 5.32 -0.10
C SER A 21 4.78 5.85 1.33
N TYR A 22 5.81 6.58 1.76
CA TYR A 22 5.89 7.12 3.11
C TYR A 22 5.71 6.01 4.16
N GLY A 23 6.31 4.85 3.91
CA GLY A 23 6.21 3.66 4.76
C GLY A 23 4.78 3.13 4.94
N THR A 24 3.83 3.65 4.15
CA THR A 24 2.40 3.45 4.28
C THR A 24 1.92 2.82 2.97
N CYS A 25 1.08 1.78 3.04
CA CYS A 25 0.43 1.26 1.85
C CYS A 25 -0.87 2.04 1.66
N TYR A 26 -0.74 3.19 1.00
CA TYR A 26 -1.82 4.11 0.67
C TYR A 26 -2.77 3.42 -0.30
N CYS A 27 -4.10 3.63 -0.15
CA CYS A 27 -5.10 3.01 -1.02
C CYS A 27 -6.08 4.02 -1.62
N LYS A 28 -6.39 3.86 -2.92
CA LYS A 28 -7.33 4.73 -3.62
C LYS A 28 -8.77 4.50 -3.15
N THR A 29 -9.01 3.49 -2.31
CA THR A 29 -10.25 3.35 -1.56
C THR A 29 -10.48 4.50 -0.58
N THR A 30 -9.45 5.31 -0.32
CA THR A 30 -9.56 6.56 0.41
C THR A 30 -10.32 7.59 -0.45
N NH2 A 31 -11.62 7.38 -0.65
HN1 NH2 A 31 -12.04 6.54 -0.28
HN2 NH2 A 31 -12.15 8.02 -1.21
N PCA A 1 10.89 -0.97 9.41
CA PCA A 1 10.06 0.13 9.86
CB PCA A 1 11.06 1.15 10.43
CG PCA A 1 12.32 0.87 9.59
CD PCA A 1 12.15 -0.59 9.18
OE PCA A 1 13.07 -1.26 8.79
C PCA A 1 9.28 0.66 8.66
O PCA A 1 9.47 1.80 8.25
HA PCA A 1 9.37 -0.20 10.65
HB2 PCA A 1 11.28 0.89 11.47
HB3 PCA A 1 10.74 2.19 10.37
HG2 PCA A 1 12.31 1.50 8.69
HG3 PCA A 1 13.23 1.02 10.16
N THR A 2 8.43 -0.18 8.08
CA THR A 2 7.61 0.11 6.94
C THR A 2 6.40 -0.83 7.08
N GLN A 3 5.23 -0.34 6.73
CA GLN A 3 4.03 -1.17 6.60
C GLN A 3 4.21 -2.18 5.47
N CYS A 4 4.75 -1.71 4.34
CA CYS A 4 4.82 -2.42 3.08
C CYS A 4 6.23 -2.35 2.53
N GLN A 5 6.66 -3.45 1.92
CA GLN A 5 7.94 -3.56 1.25
C GLN A 5 7.88 -2.84 -0.10
N SER A 6 6.71 -2.84 -0.74
CA SER A 6 6.45 -2.34 -2.09
C SER A 6 4.95 -2.43 -2.31
N VAL A 7 4.44 -1.85 -3.41
CA VAL A 7 3.03 -1.80 -3.72
C VAL A 7 2.36 -3.18 -3.58
N ARG A 8 3.06 -4.25 -3.97
CA ARG A 8 2.63 -5.63 -3.78
C ARG A 8 2.06 -5.88 -2.38
N ASP A 9 2.71 -5.37 -1.34
CA ASP A 9 2.25 -5.56 0.01
C ASP A 9 0.89 -4.89 0.19
N CYS A 10 0.75 -3.65 -0.29
CA CYS A 10 -0.58 -3.07 -0.29
C CYS A 10 -1.54 -3.91 -1.13
N GLN A 11 -1.09 -4.50 -2.25
CA GLN A 11 -1.98 -5.33 -3.06
C GLN A 11 -2.52 -6.51 -2.24
N GLN A 12 -1.72 -7.06 -1.32
CA GLN A 12 -2.24 -8.02 -0.35
C GLN A 12 -3.37 -7.39 0.46
N TYR A 13 -3.17 -6.14 0.91
CA TYR A 13 -4.06 -5.42 1.80
C TYR A 13 -5.35 -4.92 1.13
N CYS A 14 -5.28 -4.55 -0.14
CA CYS A 14 -6.23 -3.69 -0.85
C CYS A 14 -6.33 -4.13 -2.30
N LEU A 15 -7.53 -4.13 -2.87
CA LEU A 15 -7.75 -4.45 -4.27
C LEU A 15 -6.97 -3.45 -5.15
N THR A 16 -7.13 -2.14 -4.88
CA THR A 16 -6.54 -1.08 -5.70
C THR A 16 -5.75 -0.08 -4.85
N PRO A 17 -4.52 -0.42 -4.43
CA PRO A 17 -3.69 0.48 -3.70
C PRO A 17 -3.33 1.73 -4.52
N ASP A 18 -3.17 2.85 -3.81
CA ASP A 18 -2.63 4.09 -4.33
C ASP A 18 -1.13 3.86 -4.53
N ARG A 19 -0.44 3.48 -3.45
CA ARG A 19 1.00 3.27 -3.45
C ARG A 19 1.39 2.45 -2.23
N CYS A 20 2.59 1.85 -2.27
CA CYS A 20 3.42 1.77 -1.08
C CYS A 20 4.32 3.01 -1.15
N SER A 21 4.27 3.90 -0.16
CA SER A 21 4.92 5.19 -0.23
C SER A 21 5.05 5.72 1.19
N TYR A 22 6.15 6.42 1.51
CA TYR A 22 6.43 6.91 2.86
C TYR A 22 6.28 5.78 3.89
N GLY A 23 6.82 4.60 3.55
CA GLY A 23 6.75 3.40 4.39
C GLY A 23 5.32 3.01 4.79
N THR A 24 4.32 3.47 4.04
CA THR A 24 2.90 3.35 4.33
C THR A 24 2.24 2.77 3.09
N CYS A 25 1.33 1.80 3.26
CA CYS A 25 0.53 1.29 2.16
C CYS A 25 -0.75 2.10 2.11
N TYR A 26 -0.96 2.81 1.01
CA TYR A 26 -2.02 3.78 0.77
C TYR A 26 -2.97 3.16 -0.24
N CYS A 27 -4.30 3.32 -0.06
CA CYS A 27 -5.30 2.72 -0.92
C CYS A 27 -6.32 3.74 -1.42
N LYS A 28 -6.81 3.56 -2.65
CA LYS A 28 -7.71 4.44 -3.37
C LYS A 28 -9.13 4.34 -2.80
N THR A 29 -9.26 4.58 -1.50
CA THR A 29 -10.47 4.42 -0.71
C THR A 29 -11.36 5.66 -0.85
N THR A 30 -11.54 6.14 -2.09
CA THR A 30 -12.21 7.38 -2.39
C THR A 30 -13.73 7.20 -2.35
N NH2 A 31 -14.25 6.87 -1.17
HN1 NH2 A 31 -13.64 6.73 -0.38
HN2 NH2 A 31 -15.25 6.74 -1.09
N PCA A 1 10.34 -3.41 5.86
CA PCA A 1 9.01 -2.93 5.57
CB PCA A 1 8.13 -4.19 5.52
CG PCA A 1 8.87 -5.10 6.49
CD PCA A 1 10.31 -4.60 6.46
OE PCA A 1 11.25 -5.29 6.79
C PCA A 1 8.52 -2.01 6.68
O PCA A 1 8.96 -2.14 7.82
HA PCA A 1 8.99 -2.40 4.62
HB2 PCA A 1 8.19 -4.63 4.52
HB3 PCA A 1 7.09 -4.01 5.80
HG2 PCA A 1 8.47 -4.98 7.50
HG3 PCA A 1 8.81 -6.15 6.19
N THR A 2 7.59 -1.11 6.36
CA THR A 2 6.84 -0.37 7.37
C THR A 2 5.46 -1.00 7.45
N GLN A 3 4.40 -0.29 7.05
CA GLN A 3 3.13 -0.96 6.76
C GLN A 3 3.35 -2.01 5.65
N CYS A 4 4.16 -1.62 4.67
CA CYS A 4 4.43 -2.36 3.45
C CYS A 4 5.93 -2.39 3.20
N GLN A 5 6.35 -3.42 2.47
CA GLN A 5 7.67 -3.52 1.85
C GLN A 5 7.71 -2.71 0.56
N SER A 6 6.65 -2.79 -0.25
CA SER A 6 6.53 -2.22 -1.59
C SER A 6 5.05 -2.28 -1.98
N VAL A 7 4.66 -1.72 -3.12
CA VAL A 7 3.27 -1.70 -3.55
C VAL A 7 2.64 -3.09 -3.59
N ARG A 8 3.42 -4.11 -3.96
CA ARG A 8 3.01 -5.52 -3.90
C ARG A 8 2.48 -5.90 -2.52
N ASP A 9 3.02 -5.33 -1.45
CA ASP A 9 2.48 -5.55 -0.12
C ASP A 9 1.07 -4.98 -0.07
N CYS A 10 0.91 -3.71 -0.45
CA CYS A 10 -0.42 -3.15 -0.46
C CYS A 10 -1.37 -3.98 -1.31
N GLN A 11 -0.90 -4.60 -2.41
CA GLN A 11 -1.76 -5.43 -3.24
C GLN A 11 -2.43 -6.55 -2.43
N GLN A 12 -1.79 -7.10 -1.38
CA GLN A 12 -2.46 -8.03 -0.51
C GLN A 12 -3.38 -7.31 0.49
N TYR A 13 -3.00 -6.13 0.97
CA TYR A 13 -3.88 -5.35 1.86
C TYR A 13 -5.14 -4.80 1.18
N CYS A 14 -5.09 -4.48 -0.11
CA CYS A 14 -6.03 -3.60 -0.81
C CYS A 14 -6.21 -4.07 -2.25
N LEU A 15 -7.44 -4.07 -2.74
CA LEU A 15 -7.74 -4.43 -4.12
C LEU A 15 -7.22 -3.40 -5.12
N THR A 16 -7.03 -2.14 -4.70
CA THR A 16 -6.51 -1.10 -5.59
C THR A 16 -5.67 -0.07 -4.81
N PRO A 17 -4.44 -0.43 -4.43
CA PRO A 17 -3.56 0.46 -3.75
C PRO A 17 -3.18 1.66 -4.63
N ASP A 18 -2.85 2.76 -3.96
CA ASP A 18 -2.26 3.95 -4.54
C ASP A 18 -0.77 3.69 -4.62
N ARG A 19 -0.13 3.48 -3.46
CA ARG A 19 1.30 3.29 -3.38
C ARG A 19 1.65 2.67 -2.03
N CYS A 20 2.76 1.95 -1.99
CA CYS A 20 3.58 1.90 -0.79
C CYS A 20 4.43 3.17 -0.81
N SER A 21 4.14 4.14 0.07
CA SER A 21 4.78 5.43 0.04
C SER A 21 4.72 6.04 1.43
N TYR A 22 5.78 6.73 1.85
CA TYR A 22 5.89 7.29 3.21
C TYR A 22 5.63 6.19 4.26
N GLY A 23 6.20 5.00 4.04
CA GLY A 23 6.04 3.84 4.90
C GLY A 23 4.59 3.37 5.07
N THR A 24 3.67 3.92 4.27
CA THR A 24 2.24 3.74 4.36
C THR A 24 1.78 3.05 3.08
N CYS A 25 0.97 1.99 3.18
CA CYS A 25 0.37 1.39 1.99
C CYS A 25 -0.94 2.14 1.72
N TYR A 26 -0.79 3.25 0.98
CA TYR A 26 -1.87 4.12 0.56
C TYR A 26 -2.78 3.34 -0.39
N CYS A 27 -4.10 3.46 -0.24
CA CYS A 27 -5.09 2.85 -1.12
C CYS A 27 -6.11 3.89 -1.58
N LYS A 28 -6.61 3.76 -2.82
CA LYS A 28 -7.53 4.74 -3.37
C LYS A 28 -8.96 4.50 -2.87
N THR A 29 -9.13 4.32 -1.57
CA THR A 29 -10.43 4.15 -0.93
C THR A 29 -11.04 5.53 -0.69
N THR A 30 -11.20 6.30 -1.77
CA THR A 30 -11.67 7.67 -1.75
C THR A 30 -11.92 8.10 -3.20
N NH2 A 31 -12.23 9.38 -3.41
HN1 NH2 A 31 -12.18 10.01 -2.62
HN2 NH2 A 31 -12.40 9.71 -4.35
N PCA A 1 9.99 -2.76 6.02
CA PCA A 1 9.79 -3.10 7.42
CB PCA A 1 11.21 -3.10 8.00
CG PCA A 1 11.95 -2.11 7.09
CD PCA A 1 11.16 -2.16 5.80
OE PCA A 1 11.63 -1.81 4.72
C PCA A 1 8.89 -2.09 8.11
O PCA A 1 8.93 -1.97 9.34
HA PCA A 1 9.35 -4.09 7.50
HB2 PCA A 1 11.64 -4.10 7.86
HB3 PCA A 1 11.27 -2.82 9.05
HG2 PCA A 1 11.90 -1.11 7.50
HG3 PCA A 1 12.99 -2.42 6.94
N THR A 2 8.05 -1.37 7.35
CA THR A 2 7.06 -0.44 7.87
C THR A 2 5.68 -1.06 7.59
N GLN A 3 4.70 -0.33 7.05
CA GLN A 3 3.46 -0.96 6.62
C GLN A 3 3.73 -1.89 5.43
N CYS A 4 4.67 -1.49 4.58
CA CYS A 4 4.98 -2.14 3.32
C CYS A 4 6.40 -1.79 2.93
N GLN A 5 6.90 -2.53 1.94
CA GLN A 5 8.13 -2.28 1.23
C GLN A 5 7.86 -1.95 -0.25
N SER A 6 6.76 -2.42 -0.84
CA SER A 6 6.47 -2.23 -2.25
C SER A 6 4.98 -2.44 -2.47
N VAL A 7 4.41 -1.87 -3.54
CA VAL A 7 2.98 -1.85 -3.78
C VAL A 7 2.29 -3.19 -3.56
N ARG A 8 2.95 -4.30 -3.93
CA ARG A 8 2.49 -5.67 -3.70
C ARG A 8 1.96 -5.89 -2.28
N ASP A 9 2.67 -5.37 -1.28
CA ASP A 9 2.27 -5.42 0.11
C ASP A 9 0.87 -4.83 0.23
N CYS A 10 0.70 -3.60 -0.28
CA CYS A 10 -0.62 -3.01 -0.28
C CYS A 10 -1.59 -3.80 -1.14
N GLN A 11 -1.17 -4.43 -2.25
CA GLN A 11 -2.10 -5.19 -3.09
C GLN A 11 -2.76 -6.31 -2.27
N GLN A 12 -2.03 -6.88 -1.32
CA GLN A 12 -2.63 -7.80 -0.36
C GLN A 12 -3.63 -7.07 0.53
N TYR A 13 -3.26 -5.87 0.99
CA TYR A 13 -4.05 -5.07 1.94
C TYR A 13 -5.34 -4.46 1.37
N CYS A 14 -5.31 -4.06 0.10
CA CYS A 14 -6.25 -3.13 -0.54
C CYS A 14 -6.50 -3.56 -1.97
N LEU A 15 -7.72 -3.33 -2.47
CA LEU A 15 -8.10 -3.66 -3.83
C LEU A 15 -7.27 -2.84 -4.82
N THR A 16 -7.27 -1.51 -4.68
CA THR A 16 -6.51 -0.63 -5.56
C THR A 16 -5.62 0.32 -4.76
N PRO A 17 -4.43 -0.13 -4.34
CA PRO A 17 -3.51 0.73 -3.66
C PRO A 17 -3.07 1.93 -4.51
N ASP A 18 -2.91 3.07 -3.86
CA ASP A 18 -2.31 4.26 -4.44
C ASP A 18 -0.83 3.96 -4.62
N ARG A 19 -0.16 3.63 -3.50
CA ARG A 19 1.27 3.36 -3.48
C ARG A 19 1.62 2.65 -2.18
N CYS A 20 2.71 1.88 -2.20
CA CYS A 20 3.56 1.82 -1.02
C CYS A 20 4.47 3.04 -1.09
N SER A 21 4.37 3.97 -0.14
CA SER A 21 5.09 5.22 -0.17
C SER A 21 5.14 5.78 1.23
N TYR A 22 6.23 6.43 1.64
CA TYR A 22 6.40 6.93 3.00
C TYR A 22 6.23 5.79 4.03
N GLY A 23 6.72 4.59 3.68
CA GLY A 23 6.56 3.37 4.47
C GLY A 23 5.10 3.05 4.83
N THR A 24 4.16 3.63 4.08
CA THR A 24 2.73 3.58 4.30
C THR A 24 2.11 2.98 3.04
N CYS A 25 1.17 2.04 3.18
CA CYS A 25 0.47 1.47 2.04
C CYS A 25 -0.81 2.28 1.83
N TYR A 26 -0.69 3.30 0.98
CA TYR A 26 -1.73 4.26 0.65
C TYR A 26 -2.70 3.62 -0.34
N CYS A 27 -4.02 3.86 -0.21
CA CYS A 27 -5.02 3.18 -1.03
C CYS A 27 -6.00 4.10 -1.75
N LYS A 28 -6.12 3.93 -3.08
CA LYS A 28 -7.24 4.45 -3.84
C LYS A 28 -8.40 3.45 -3.67
N THR A 29 -8.82 3.25 -2.42
CA THR A 29 -9.90 2.32 -2.10
C THR A 29 -10.60 2.86 -0.85
N THR A 30 -11.07 4.11 -0.94
CA THR A 30 -11.77 4.82 0.11
C THR A 30 -13.27 4.60 -0.05
N NH2 A 31 -13.83 5.16 -1.12
HN1 NH2 A 31 -13.25 5.73 -1.72
HN2 NH2 A 31 -14.82 5.05 -1.29
N PCA A 1 7.97 -3.25 10.26
CA PCA A 1 8.90 -3.50 9.16
CB PCA A 1 8.64 -4.98 8.79
CG PCA A 1 7.17 -5.14 9.16
CD PCA A 1 6.96 -4.11 10.25
OE PCA A 1 6.02 -4.16 11.04
C PCA A 1 8.61 -2.57 7.99
O PCA A 1 9.03 -2.86 6.86
HA PCA A 1 9.93 -3.38 9.49
HB2 PCA A 1 9.25 -5.62 9.42
HB3 PCA A 1 8.83 -5.20 7.74
HG2 PCA A 1 6.53 -4.91 8.31
HG3 PCA A 1 6.97 -6.15 9.52
N THR A 2 7.93 -1.45 8.24
CA THR A 2 7.24 -0.62 7.27
C THR A 2 5.88 -1.28 6.99
N GLN A 3 4.82 -0.48 6.78
CA GLN A 3 3.51 -1.01 6.42
C GLN A 3 3.63 -1.92 5.19
N CYS A 4 4.45 -1.48 4.24
CA CYS A 4 4.67 -2.13 2.97
C CYS A 4 6.09 -1.81 2.54
N GLN A 5 6.62 -2.65 1.65
CA GLN A 5 7.91 -2.45 1.01
C GLN A 5 7.75 -2.41 -0.52
N SER A 6 6.55 -2.66 -1.06
CA SER A 6 6.27 -2.60 -2.48
C SER A 6 4.76 -2.52 -2.65
N VAL A 7 4.26 -1.99 -3.76
CA VAL A 7 2.83 -1.95 -4.06
C VAL A 7 2.18 -3.34 -3.92
N ARG A 8 2.94 -4.40 -4.18
CA ARG A 8 2.61 -5.80 -3.86
C ARG A 8 1.90 -5.93 -2.52
N ASP A 9 2.50 -5.38 -1.47
CA ASP A 9 2.01 -5.44 -0.11
C ASP A 9 0.61 -4.84 -0.07
N CYS A 10 0.49 -3.58 -0.52
CA CYS A 10 -0.82 -2.96 -0.50
C CYS A 10 -1.83 -3.74 -1.33
N GLN A 11 -1.40 -4.34 -2.45
CA GLN A 11 -2.35 -5.09 -3.29
C GLN A 11 -2.98 -6.26 -2.53
N GLN A 12 -2.34 -6.74 -1.45
CA GLN A 12 -2.99 -7.69 -0.55
C GLN A 12 -3.94 -6.94 0.39
N TYR A 13 -3.51 -5.81 0.95
CA TYR A 13 -4.30 -5.05 1.92
C TYR A 13 -5.50 -4.29 1.32
N CYS A 14 -5.49 -4.02 0.01
CA CYS A 14 -6.42 -3.13 -0.68
C CYS A 14 -6.59 -3.62 -2.11
N LEU A 15 -7.82 -3.57 -2.63
CA LEU A 15 -8.09 -3.97 -4.01
C LEU A 15 -7.35 -3.03 -4.97
N THR A 16 -7.47 -1.71 -4.75
CA THR A 16 -6.84 -0.70 -5.61
C THR A 16 -5.99 0.28 -4.79
N PRO A 17 -4.76 -0.11 -4.44
CA PRO A 17 -3.84 0.78 -3.78
C PRO A 17 -3.46 1.98 -4.63
N ASP A 18 -3.15 3.08 -3.95
CA ASP A 18 -2.62 4.30 -4.53
C ASP A 18 -1.14 4.06 -4.76
N ARG A 19 -0.43 3.74 -3.67
CA ARG A 19 1.00 3.51 -3.69
C ARG A 19 1.39 2.79 -2.40
N CYS A 20 2.49 2.04 -2.46
CA CYS A 20 3.35 1.93 -1.30
C CYS A 20 4.28 3.14 -1.35
N SER A 21 4.15 4.08 -0.41
CA SER A 21 4.85 5.35 -0.46
C SER A 21 4.88 5.95 0.95
N TYR A 22 5.93 6.69 1.30
CA TYR A 22 6.10 7.25 2.65
C TYR A 22 5.97 6.14 3.72
N GLY A 23 6.54 4.97 3.43
CA GLY A 23 6.45 3.79 4.27
C GLY A 23 5.02 3.39 4.66
N THR A 24 4.04 3.82 3.85
CA THR A 24 2.62 3.70 4.08
C THR A 24 2.02 3.05 2.83
N CYS A 25 1.10 2.09 3.00
CA CYS A 25 0.36 1.53 1.88
C CYS A 25 -0.93 2.35 1.71
N TYR A 26 -0.84 3.36 0.85
CA TYR A 26 -1.91 4.29 0.52
C TYR A 26 -2.87 3.62 -0.44
N CYS A 27 -4.19 3.86 -0.31
CA CYS A 27 -5.22 3.24 -1.14
C CYS A 27 -6.16 4.26 -1.77
N LYS A 28 -6.62 3.98 -3.00
CA LYS A 28 -7.51 4.88 -3.72
C LYS A 28 -8.95 4.68 -3.22
N THR A 29 -9.17 4.93 -1.93
CA THR A 29 -10.44 4.79 -1.26
C THR A 29 -10.27 5.47 0.09
N THR A 30 -11.27 6.27 0.47
CA THR A 30 -11.32 7.02 1.72
C THR A 30 -12.77 7.53 1.87
N NH2 A 31 -13.03 8.35 2.87
HN1 NH2 A 31 -12.23 8.67 3.43
HN2 NH2 A 31 -13.96 8.71 3.01
N PCA A 1 10.12 -0.60 3.86
CA PCA A 1 9.81 -1.66 4.80
CB PCA A 1 11.17 -2.27 5.17
CG PCA A 1 12.11 -1.07 4.97
CD PCA A 1 11.37 -0.19 3.98
OE PCA A 1 11.94 0.67 3.32
C PCA A 1 9.11 -1.06 6.01
O PCA A 1 9.75 -0.60 6.94
HA PCA A 1 9.17 -2.42 4.33
HB2 PCA A 1 11.43 -3.04 4.44
HB3 PCA A 1 11.21 -2.67 6.18
HG2 PCA A 1 12.26 -0.53 5.89
HG3 PCA A 1 13.07 -1.40 4.56
N THR A 2 7.78 -1.04 5.99
CA THR A 2 6.95 -0.59 7.10
C THR A 2 5.66 -1.39 7.06
N GLN A 3 4.51 -0.74 6.88
CA GLN A 3 3.25 -1.40 6.52
C GLN A 3 3.46 -2.33 5.33
N CYS A 4 4.28 -1.88 4.38
CA CYS A 4 4.57 -2.52 3.11
C CYS A 4 6.03 -2.31 2.77
N GLN A 5 6.49 -3.05 1.75
CA GLN A 5 7.74 -2.86 1.03
C GLN A 5 7.45 -2.26 -0.35
N SER A 6 6.36 -2.65 -1.01
CA SER A 6 6.03 -2.19 -2.35
C SER A 6 4.53 -2.22 -2.59
N VAL A 7 4.13 -1.66 -3.74
CA VAL A 7 2.73 -1.53 -4.08
C VAL A 7 2.00 -2.88 -4.02
N ARG A 8 2.69 -3.95 -4.45
CA ARG A 8 2.37 -5.36 -4.27
C ARG A 8 1.72 -5.68 -2.92
N ASP A 9 2.25 -5.11 -1.84
CA ASP A 9 1.77 -5.33 -0.50
C ASP A 9 0.41 -4.65 -0.36
N CYS A 10 0.35 -3.36 -0.71
CA CYS A 10 -0.94 -2.69 -0.67
C CYS A 10 -1.98 -3.39 -1.52
N GLN A 11 -1.59 -3.97 -2.67
CA GLN A 11 -2.53 -4.67 -3.54
C GLN A 11 -3.25 -5.82 -2.80
N GLN A 12 -2.69 -6.30 -1.69
CA GLN A 12 -3.35 -7.25 -0.80
C GLN A 12 -4.21 -6.51 0.23
N TYR A 13 -3.67 -5.44 0.82
CA TYR A 13 -4.42 -4.65 1.83
C TYR A 13 -5.64 -3.92 1.25
N CYS A 14 -5.61 -3.55 -0.04
CA CYS A 14 -6.53 -2.61 -0.67
C CYS A 14 -6.75 -3.05 -2.12
N LEU A 15 -7.98 -2.92 -2.61
CA LEU A 15 -8.30 -3.21 -4.00
C LEU A 15 -7.54 -2.24 -4.91
N THR A 16 -7.57 -0.94 -4.58
CA THR A 16 -7.01 0.11 -5.44
C THR A 16 -6.03 1.01 -4.67
N PRO A 17 -4.82 0.54 -4.39
CA PRO A 17 -3.84 1.32 -3.69
C PRO A 17 -3.39 2.56 -4.46
N ASP A 18 -2.95 3.57 -3.71
CA ASP A 18 -2.31 4.76 -4.23
C ASP A 18 -0.86 4.38 -4.47
N ARG A 19 -0.15 4.07 -3.38
CA ARG A 19 1.27 3.76 -3.39
C ARG A 19 1.61 3.01 -2.11
N CYS A 20 2.65 2.18 -2.17
CA CYS A 20 3.49 1.97 -1.00
C CYS A 20 4.49 3.12 -0.99
N SER A 21 4.40 4.04 -0.04
CA SER A 21 5.16 5.27 -0.02
C SER A 21 5.18 5.81 1.40
N TYR A 22 6.22 6.58 1.76
CA TYR A 22 6.37 7.17 3.10
C TYR A 22 6.15 6.13 4.21
N GLY A 23 6.66 4.92 4.01
CA GLY A 23 6.47 3.80 4.94
C GLY A 23 4.98 3.57 5.24
N THR A 24 4.12 3.63 4.24
CA THR A 24 2.68 3.51 4.38
C THR A 24 2.12 2.97 3.06
N CYS A 25 1.16 2.04 3.13
CA CYS A 25 0.45 1.59 1.95
C CYS A 25 -0.79 2.48 1.80
N TYR A 26 -0.60 3.59 1.10
CA TYR A 26 -1.61 4.59 0.80
C TYR A 26 -2.59 3.98 -0.19
N CYS A 27 -3.91 4.24 -0.03
CA CYS A 27 -4.95 3.71 -0.90
C CYS A 27 -5.80 4.81 -1.51
N LYS A 28 -6.19 4.64 -2.79
CA LYS A 28 -7.04 5.62 -3.47
C LYS A 28 -8.47 5.53 -2.93
N THR A 29 -8.90 4.31 -2.60
CA THR A 29 -10.06 4.04 -1.80
C THR A 29 -9.85 2.62 -1.27
N THR A 30 -10.85 2.11 -0.58
CA THR A 30 -10.86 0.79 0.05
C THR A 30 -12.31 0.33 0.24
N NH2 A 31 -13.15 1.17 0.85
HN1 NH2 A 31 -12.83 2.07 1.17
HN2 NH2 A 31 -14.11 0.88 0.97
N PCA A 1 10.59 -3.16 5.62
CA PCA A 1 9.14 -3.22 5.68
CB PCA A 1 8.82 -4.71 5.86
CG PCA A 1 10.08 -5.22 6.56
CD PCA A 1 11.16 -4.22 6.19
OE PCA A 1 12.35 -4.46 6.27
C PCA A 1 8.65 -2.41 6.88
O PCA A 1 9.07 -2.67 8.00
HA PCA A 1 8.71 -2.85 4.75
HB2 PCA A 1 8.74 -5.19 4.89
HB3 PCA A 1 7.91 -4.89 6.45
HG2 PCA A 1 9.95 -5.22 7.64
HG3 PCA A 1 10.34 -6.22 6.22
N THR A 2 7.77 -1.44 6.64
CA THR A 2 7.07 -0.71 7.69
C THR A 2 5.65 -1.30 7.76
N GLN A 3 4.62 -0.53 7.44
CA GLN A 3 3.30 -1.10 7.17
C GLN A 3 3.41 -2.02 5.95
N CYS A 4 4.26 -1.62 5.00
CA CYS A 4 4.54 -2.30 3.75
C CYS A 4 6.02 -2.12 3.44
N GLN A 5 6.48 -2.92 2.48
CA GLN A 5 7.75 -2.77 1.79
C GLN A 5 7.51 -2.14 0.42
N SER A 6 6.46 -2.57 -0.28
CA SER A 6 6.25 -2.30 -1.70
C SER A 6 4.76 -2.22 -1.98
N VAL A 7 4.35 -1.61 -3.10
CA VAL A 7 2.94 -1.47 -3.43
C VAL A 7 2.19 -2.82 -3.37
N ARG A 8 2.86 -3.91 -3.75
CA ARG A 8 2.34 -5.27 -3.65
C ARG A 8 1.77 -5.60 -2.27
N ASP A 9 2.39 -5.12 -1.18
CA ASP A 9 1.86 -5.26 0.16
C ASP A 9 0.47 -4.63 0.19
N CYS A 10 0.38 -3.38 -0.30
CA CYS A 10 -0.93 -2.75 -0.39
C CYS A 10 -1.86 -3.50 -1.31
N GLN A 11 -1.39 -4.12 -2.39
CA GLN A 11 -2.29 -4.86 -3.27
C GLN A 11 -3.03 -5.99 -2.52
N GLN A 12 -2.47 -6.48 -1.41
CA GLN A 12 -3.19 -7.38 -0.52
C GLN A 12 -4.18 -6.59 0.33
N TYR A 13 -3.71 -5.48 0.91
CA TYR A 13 -4.48 -4.67 1.87
C TYR A 13 -5.73 -4.02 1.25
N CYS A 14 -5.60 -3.55 0.01
CA CYS A 14 -6.52 -2.67 -0.69
C CYS A 14 -6.71 -3.20 -2.10
N LEU A 15 -7.94 -3.09 -2.61
CA LEU A 15 -8.27 -3.46 -3.97
C LEU A 15 -7.80 -2.38 -4.96
N THR A 16 -7.47 -1.17 -4.49
CA THR A 16 -6.98 -0.11 -5.36
C THR A 16 -6.00 0.83 -4.66
N PRO A 17 -4.77 0.36 -4.39
CA PRO A 17 -3.80 1.16 -3.70
C PRO A 17 -3.29 2.36 -4.50
N ASP A 18 -2.50 3.18 -3.81
CA ASP A 18 -1.78 4.31 -4.36
C ASP A 18 -0.30 4.03 -4.34
N ARG A 19 0.28 3.95 -3.13
CA ARG A 19 1.69 3.76 -3.00
C ARG A 19 2.00 3.12 -1.66
N CYS A 20 3.00 2.25 -1.64
CA CYS A 20 3.76 2.03 -0.44
C CYS A 20 4.77 3.18 -0.38
N SER A 21 4.58 4.14 0.53
CA SER A 21 5.34 5.37 0.57
C SER A 21 5.28 5.95 1.97
N TYR A 22 6.40 6.54 2.44
CA TYR A 22 6.59 6.92 3.84
C TYR A 22 6.27 5.75 4.78
N GLY A 23 6.55 4.53 4.34
CA GLY A 23 6.31 3.31 5.12
C GLY A 23 4.82 3.02 5.36
N THR A 24 3.93 3.72 4.65
CA THR A 24 2.49 3.59 4.72
C THR A 24 2.00 3.11 3.36
N CYS A 25 1.08 2.14 3.33
CA CYS A 25 0.45 1.70 2.09
C CYS A 25 -0.79 2.57 1.85
N TYR A 26 -0.56 3.71 1.20
CA TYR A 26 -1.57 4.64 0.75
C TYR A 26 -2.49 3.95 -0.24
N CYS A 27 -3.80 4.17 -0.15
CA CYS A 27 -4.78 3.65 -1.11
C CYS A 27 -5.61 4.77 -1.71
N LYS A 28 -6.04 4.58 -2.97
CA LYS A 28 -6.98 5.49 -3.61
C LYS A 28 -8.35 5.28 -2.99
N THR A 29 -8.76 4.01 -2.87
CA THR A 29 -9.99 3.59 -2.24
C THR A 29 -9.85 2.09 -2.01
N THR A 30 -10.93 1.51 -1.50
CA THR A 30 -11.23 0.11 -1.20
C THR A 30 -12.55 0.10 -0.43
N NH2 A 31 -12.64 0.90 0.63
HN1 NH2 A 31 -11.86 1.49 0.90
HN2 NH2 A 31 -13.50 0.91 1.16
N PCA A 1 11.10 -2.36 5.75
CA PCA A 1 9.66 -2.38 5.59
CB PCA A 1 9.30 -3.87 5.59
CG PCA A 1 10.39 -4.46 6.48
CD PCA A 1 11.55 -3.48 6.33
OE PCA A 1 12.70 -3.80 6.57
C PCA A 1 8.99 -1.67 6.76
O PCA A 1 9.62 -1.36 7.78
HA PCA A 1 9.38 -1.90 4.65
HB2 PCA A 1 9.40 -4.26 4.58
HB3 PCA A 1 8.29 -4.07 5.97
HG2 PCA A 1 10.06 -4.46 7.52
HG3 PCA A 1 10.66 -5.46 6.16
N THR A 2 7.69 -1.41 6.64
CA THR A 2 6.88 -0.85 7.72
C THR A 2 5.50 -1.48 7.63
N GLN A 3 4.47 -0.73 7.24
CA GLN A 3 3.21 -1.35 6.82
C GLN A 3 3.46 -2.27 5.62
N CYS A 4 4.44 -1.90 4.79
CA CYS A 4 4.78 -2.56 3.55
C CYS A 4 6.25 -2.34 3.26
N GLN A 5 6.74 -3.10 2.29
CA GLN A 5 8.02 -2.93 1.61
C GLN A 5 7.78 -2.33 0.23
N SER A 6 6.73 -2.76 -0.48
CA SER A 6 6.38 -2.25 -1.80
C SER A 6 4.89 -2.39 -2.05
N VAL A 7 4.45 -1.87 -3.18
CA VAL A 7 3.05 -1.87 -3.55
C VAL A 7 2.42 -3.27 -3.45
N ARG A 8 3.20 -4.30 -3.79
CA ARG A 8 2.84 -5.71 -3.65
C ARG A 8 2.21 -6.02 -2.29
N ASP A 9 2.78 -5.50 -1.21
CA ASP A 9 2.26 -5.68 0.14
C ASP A 9 0.84 -5.16 0.18
N CYS A 10 0.67 -3.91 -0.25
CA CYS A 10 -0.66 -3.32 -0.24
C CYS A 10 -1.58 -4.07 -1.19
N GLN A 11 -1.10 -4.66 -2.29
CA GLN A 11 -1.97 -5.39 -3.20
C GLN A 11 -2.67 -6.55 -2.47
N GLN A 12 -2.07 -7.08 -1.41
CA GLN A 12 -2.75 -8.02 -0.53
C GLN A 12 -3.80 -7.25 0.29
N TYR A 13 -3.36 -6.12 0.87
CA TYR A 13 -4.15 -5.33 1.81
C TYR A 13 -5.43 -4.73 1.18
N CYS A 14 -5.35 -4.39 -0.10
CA CYS A 14 -6.25 -3.48 -0.80
C CYS A 14 -6.34 -3.90 -2.27
N LEU A 15 -7.54 -3.79 -2.86
CA LEU A 15 -7.76 -4.08 -4.27
C LEU A 15 -6.93 -3.11 -5.12
N THR A 16 -7.03 -1.81 -4.84
CA THR A 16 -6.39 -0.76 -5.61
C THR A 16 -5.54 0.18 -4.73
N PRO A 17 -4.34 -0.26 -4.32
CA PRO A 17 -3.46 0.56 -3.56
C PRO A 17 -2.99 1.78 -4.34
N ASP A 18 -2.77 2.89 -3.63
CA ASP A 18 -2.29 4.15 -4.17
C ASP A 18 -0.77 4.05 -4.25
N ARG A 19 -0.11 3.77 -3.11
CA ARG A 19 1.32 3.56 -3.06
C ARG A 19 1.69 2.82 -1.78
N CYS A 20 2.77 2.05 -1.83
CA CYS A 20 3.58 1.82 -0.63
C CYS A 20 4.55 3.00 -0.56
N SER A 21 4.41 3.87 0.43
CA SER A 21 5.11 5.14 0.48
C SER A 21 5.09 5.67 1.90
N TYR A 22 6.19 6.29 2.36
CA TYR A 22 6.34 6.75 3.74
C TYR A 22 6.00 5.63 4.73
N GLY A 23 6.49 4.42 4.46
CA GLY A 23 6.26 3.23 5.29
C GLY A 23 4.78 2.87 5.46
N THR A 24 3.91 3.45 4.63
CA THR A 24 2.47 3.36 4.72
C THR A 24 1.97 2.78 3.39
N CYS A 25 1.07 1.79 3.45
CA CYS A 25 0.44 1.26 2.24
C CYS A 25 -0.84 2.06 2.00
N TYR A 26 -0.68 3.20 1.33
CA TYR A 26 -1.75 4.10 0.94
C TYR A 26 -2.66 3.35 -0.02
N CYS A 27 -3.99 3.42 0.17
CA CYS A 27 -4.95 2.83 -0.74
C CYS A 27 -5.85 3.88 -1.35
N LYS A 28 -6.17 3.75 -2.64
CA LYS A 28 -6.95 4.76 -3.35
C LYS A 28 -8.45 4.61 -3.05
N THR A 29 -8.80 4.26 -1.82
CA THR A 29 -10.17 4.05 -1.38
C THR A 29 -10.78 5.40 -1.00
N THR A 30 -10.62 6.41 -1.87
CA THR A 30 -11.00 7.77 -1.57
C THR A 30 -12.51 7.93 -1.78
N NH2 A 31 -13.30 7.36 -0.87
HN1 NH2 A 31 -12.88 6.79 -0.15
HN2 NH2 A 31 -14.30 7.42 -0.98
N PCA A 1 10.08 -2.91 8.77
CA PCA A 1 9.57 -2.16 9.90
CB PCA A 1 10.83 -1.70 10.66
CG PCA A 1 11.85 -1.59 9.53
CD PCA A 1 11.33 -2.57 8.48
OE PCA A 1 12.06 -3.04 7.62
C PCA A 1 8.75 -0.98 9.36
O PCA A 1 9.02 0.18 9.67
HA PCA A 1 8.94 -2.77 10.53
HB2 PCA A 1 11.13 -2.51 11.34
HB3 PCA A 1 10.71 -0.78 11.22
HG2 PCA A 1 11.85 -0.59 9.11
HG3 PCA A 1 12.85 -1.85 9.87
N THR A 2 7.75 -1.29 8.54
CA THR A 2 6.85 -0.38 7.88
C THR A 2 5.58 -1.23 7.67
N GLN A 3 4.51 -0.58 7.26
CA GLN A 3 3.23 -1.23 6.98
C GLN A 3 3.33 -2.03 5.68
N CYS A 4 4.09 -1.50 4.72
CA CYS A 4 4.46 -2.13 3.46
C CYS A 4 5.90 -1.82 3.14
N GLN A 5 6.48 -2.63 2.27
CA GLN A 5 7.79 -2.45 1.66
C GLN A 5 7.62 -1.89 0.25
N SER A 6 6.58 -2.30 -0.48
CA SER A 6 6.39 -1.97 -1.88
C SER A 6 4.93 -2.19 -2.26
N VAL A 7 4.47 -1.60 -3.37
CA VAL A 7 3.06 -1.60 -3.76
C VAL A 7 2.40 -2.98 -3.67
N ARG A 8 3.15 -4.04 -4.01
CA ARG A 8 2.70 -5.43 -3.89
C ARG A 8 2.11 -5.75 -2.52
N ASP A 9 2.69 -5.23 -1.44
CA ASP A 9 2.15 -5.35 -0.10
C ASP A 9 0.72 -4.81 -0.11
N CYS A 10 0.56 -3.57 -0.58
CA CYS A 10 -0.77 -3.01 -0.71
C CYS A 10 -1.66 -3.85 -1.60
N GLN A 11 -1.16 -4.44 -2.68
CA GLN A 11 -2.00 -5.28 -3.53
C GLN A 11 -2.65 -6.42 -2.74
N GLN A 12 -2.05 -6.85 -1.62
CA GLN A 12 -2.68 -7.78 -0.71
C GLN A 12 -3.73 -7.07 0.15
N TYR A 13 -3.35 -5.93 0.73
CA TYR A 13 -4.21 -5.21 1.67
C TYR A 13 -5.42 -4.53 1.00
N CYS A 14 -5.36 -4.26 -0.31
CA CYS A 14 -6.28 -3.39 -1.05
C CYS A 14 -6.40 -3.87 -2.49
N LEU A 15 -7.61 -3.80 -3.06
CA LEU A 15 -7.86 -4.17 -4.44
C LEU A 15 -7.11 -3.21 -5.38
N THR A 16 -7.27 -1.90 -5.17
CA THR A 16 -6.64 -0.87 -6.01
C THR A 16 -5.81 0.11 -5.17
N PRO A 17 -4.57 -0.25 -4.81
CA PRO A 17 -3.71 0.64 -4.10
C PRO A 17 -3.33 1.90 -4.88
N ASP A 18 -2.85 2.89 -4.12
CA ASP A 18 -2.33 4.17 -4.59
C ASP A 18 -0.82 4.04 -4.65
N ARG A 19 -0.19 3.80 -3.49
CA ARG A 19 1.24 3.59 -3.40
C ARG A 19 1.53 2.78 -2.14
N CYS A 20 2.70 2.13 -2.12
CA CYS A 20 3.43 1.99 -0.86
C CYS A 20 4.35 3.20 -0.79
N SER A 21 4.18 4.08 0.19
CA SER A 21 4.88 5.34 0.26
C SER A 21 4.85 5.85 1.70
N TYR A 22 5.94 6.49 2.14
CA TYR A 22 6.14 6.89 3.54
C TYR A 22 5.91 5.71 4.50
N GLY A 23 6.28 4.49 4.08
CA GLY A 23 6.13 3.27 4.87
C GLY A 23 4.68 2.84 5.08
N THR A 24 3.73 3.50 4.41
CA THR A 24 2.29 3.26 4.48
C THR A 24 1.79 2.81 3.12
N CYS A 25 0.91 1.81 3.11
CA CYS A 25 0.23 1.38 1.89
C CYS A 25 -1.05 2.20 1.76
N TYR A 26 -0.99 3.19 0.87
CA TYR A 26 -2.06 4.11 0.52
C TYR A 26 -2.93 3.44 -0.54
N CYS A 27 -4.27 3.63 -0.48
CA CYS A 27 -5.20 3.00 -1.40
C CYS A 27 -6.13 3.99 -2.08
N LYS A 28 -6.51 3.72 -3.34
CA LYS A 28 -7.36 4.59 -4.13
C LYS A 28 -8.81 4.36 -3.72
N THR A 29 -9.13 4.72 -2.48
CA THR A 29 -10.48 4.65 -1.95
C THR A 29 -10.60 5.78 -0.92
N THR A 30 -11.25 5.56 0.22
CA THR A 30 -11.48 6.56 1.24
C THR A 30 -10.20 6.76 2.05
N NH2 A 31 -9.17 7.34 1.42
HN1 NH2 A 31 -9.27 7.58 0.44
HN2 NH2 A 31 -8.30 7.49 1.92
N PCA A 1 9.68 -1.00 4.49
CA PCA A 1 10.10 -1.93 5.51
CB PCA A 1 11.58 -1.59 5.74
CG PCA A 1 11.57 -0.08 5.47
CD PCA A 1 10.41 0.12 4.51
OE PCA A 1 10.31 1.09 3.79
C PCA A 1 9.26 -1.68 6.78
O PCA A 1 9.79 -1.74 7.89
HA PCA A 1 9.98 -2.97 5.19
HB2 PCA A 1 12.17 -2.08 4.97
HB3 PCA A 1 11.96 -1.85 6.72
HG2 PCA A 1 11.38 0.46 6.39
HG3 PCA A 1 12.52 0.25 5.03
N THR A 2 7.98 -1.35 6.59
CA THR A 2 7.18 -0.72 7.63
C THR A 2 5.79 -1.36 7.64
N GLN A 3 4.72 -0.61 7.34
CA GLN A 3 3.42 -1.22 7.09
C GLN A 3 3.53 -2.22 5.94
N CYS A 4 4.36 -1.86 4.96
CA CYS A 4 4.58 -2.56 3.72
C CYS A 4 6.05 -2.44 3.36
N GLN A 5 6.46 -3.25 2.39
CA GLN A 5 7.72 -3.18 1.70
C GLN A 5 7.53 -2.63 0.29
N SER A 6 6.40 -2.93 -0.37
CA SER A 6 6.10 -2.42 -1.70
C SER A 6 4.60 -2.41 -1.94
N VAL A 7 4.22 -1.83 -3.07
CA VAL A 7 2.83 -1.65 -3.44
C VAL A 7 2.05 -2.97 -3.36
N ARG A 8 2.70 -4.09 -3.68
CA ARG A 8 2.18 -5.45 -3.54
C ARG A 8 1.50 -5.67 -2.18
N ASP A 9 2.16 -5.25 -1.09
CA ASP A 9 1.64 -5.36 0.25
C ASP A 9 0.29 -4.67 0.31
N CYS A 10 0.25 -3.41 -0.15
CA CYS A 10 -1.04 -2.75 -0.23
C CYS A 10 -1.99 -3.53 -1.11
N GLN A 11 -1.58 -4.08 -2.25
CA GLN A 11 -2.50 -4.82 -3.10
C GLN A 11 -3.12 -6.02 -2.36
N GLN A 12 -2.44 -6.58 -1.36
CA GLN A 12 -3.07 -7.56 -0.48
C GLN A 12 -4.18 -6.90 0.35
N TYR A 13 -3.94 -5.70 0.89
CA TYR A 13 -4.91 -5.03 1.75
C TYR A 13 -6.08 -4.37 0.98
N CYS A 14 -5.77 -3.42 0.10
CA CYS A 14 -6.67 -2.53 -0.62
C CYS A 14 -6.86 -3.03 -2.05
N LEU A 15 -8.01 -2.72 -2.64
CA LEU A 15 -8.32 -3.10 -4.01
C LEU A 15 -7.53 -2.19 -4.94
N THR A 16 -7.53 -0.89 -4.64
CA THR A 16 -6.89 0.14 -5.45
C THR A 16 -5.93 0.99 -4.62
N PRO A 17 -4.73 0.47 -4.29
CA PRO A 17 -3.77 1.22 -3.55
C PRO A 17 -3.22 2.41 -4.33
N ASP A 18 -2.69 3.39 -3.58
CA ASP A 18 -1.98 4.55 -4.10
C ASP A 18 -0.52 4.15 -4.21
N ARG A 19 0.11 3.84 -3.07
CA ARG A 19 1.51 3.49 -3.01
C ARG A 19 1.80 2.82 -1.68
N CYS A 20 2.82 1.96 -1.67
CA CYS A 20 3.62 1.80 -0.47
C CYS A 20 4.61 2.96 -0.47
N SER A 21 4.44 3.93 0.42
CA SER A 21 5.23 5.15 0.43
C SER A 21 5.19 5.75 1.83
N TYR A 22 6.27 6.41 2.26
CA TYR A 22 6.45 6.86 3.65
C TYR A 22 6.16 5.69 4.62
N GLY A 23 6.64 4.49 4.28
CA GLY A 23 6.43 3.27 5.05
C GLY A 23 4.95 2.97 5.33
N THR A 24 4.05 3.53 4.53
CA THR A 24 2.61 3.49 4.70
C THR A 24 2.02 2.94 3.40
N CYS A 25 1.09 1.97 3.50
CA CYS A 25 0.37 1.52 2.31
C CYS A 25 -0.81 2.47 2.09
N TYR A 26 -0.54 3.56 1.38
CA TYR A 26 -1.52 4.55 0.99
C TYR A 26 -2.50 3.91 0.01
N CYS A 27 -3.80 4.17 0.15
CA CYS A 27 -4.82 3.64 -0.75
C CYS A 27 -5.52 4.74 -1.53
N LYS A 28 -5.68 4.54 -2.85
CA LYS A 28 -6.20 5.52 -3.76
C LYS A 28 -7.72 5.49 -3.69
N THR A 29 -8.31 4.28 -3.80
CA THR A 29 -9.74 4.09 -3.65
C THR A 29 -10.03 2.69 -3.11
N THR A 30 -9.76 2.48 -1.82
CA THR A 30 -10.36 1.43 -1.01
C THR A 30 -10.37 1.97 0.42
N NH2 A 31 -11.35 1.59 1.23
HN1 NH2 A 31 -12.06 0.95 0.93
HN2 NH2 A 31 -11.36 1.96 2.18
N PCA A 1 9.42 -3.79 4.93
CA PCA A 1 8.19 -4.03 5.65
CB PCA A 1 8.29 -5.48 6.14
CG PCA A 1 9.80 -5.68 6.24
CD PCA A 1 10.37 -4.66 5.28
OE PCA A 1 11.48 -4.77 4.79
C PCA A 1 8.05 -3.04 6.80
O PCA A 1 8.46 -3.33 7.92
HA PCA A 1 7.33 -3.94 4.99
HB2 PCA A 1 7.89 -6.15 5.36
HB3 PCA A 1 7.76 -5.67 7.08
HG2 PCA A 1 10.14 -5.45 7.26
HG3 PCA A 1 10.08 -6.70 5.97
N THR A 2 7.50 -1.86 6.51
CA THR A 2 6.93 -0.99 7.56
C THR A 2 5.48 -1.41 7.70
N GLN A 3 4.53 -0.58 7.28
CA GLN A 3 3.22 -1.11 6.90
C GLN A 3 3.40 -2.06 5.71
N CYS A 4 4.30 -1.67 4.80
CA CYS A 4 4.57 -2.32 3.53
C CYS A 4 6.05 -2.19 3.23
N GLN A 5 6.54 -3.10 2.39
CA GLN A 5 7.85 -3.04 1.77
C GLN A 5 7.73 -2.40 0.39
N SER A 6 6.62 -2.63 -0.29
CA SER A 6 6.41 -2.21 -1.68
C SER A 6 4.92 -2.28 -1.98
N VAL A 7 4.48 -1.69 -3.10
CA VAL A 7 3.08 -1.58 -3.47
C VAL A 7 2.31 -2.91 -3.31
N ARG A 8 2.96 -4.04 -3.64
CA ARG A 8 2.40 -5.37 -3.48
C ARG A 8 1.81 -5.60 -2.07
N ASP A 9 2.49 -5.11 -1.04
CA ASP A 9 2.00 -5.21 0.32
C ASP A 9 0.69 -4.45 0.45
N CYS A 10 0.61 -3.24 -0.13
CA CYS A 10 -0.70 -2.61 -0.16
C CYS A 10 -1.66 -3.42 -1.01
N GLN A 11 -1.23 -4.07 -2.11
CA GLN A 11 -2.16 -4.85 -2.94
C GLN A 11 -2.79 -5.97 -2.11
N GLN A 12 -2.00 -6.60 -1.25
CA GLN A 12 -2.52 -7.55 -0.26
C GLN A 12 -3.61 -6.87 0.60
N TYR A 13 -3.39 -5.61 0.98
CA TYR A 13 -4.28 -4.84 1.86
C TYR A 13 -5.55 -4.31 1.17
N CYS A 14 -5.44 -3.87 -0.08
CA CYS A 14 -6.35 -2.97 -0.80
C CYS A 14 -6.45 -3.43 -2.24
N LEU A 15 -7.66 -3.40 -2.82
CA LEU A 15 -7.86 -3.76 -4.21
C LEU A 15 -7.05 -2.84 -5.12
N THR A 16 -7.14 -1.51 -4.90
CA THR A 16 -6.45 -0.52 -5.71
C THR A 16 -5.64 0.45 -4.85
N PRO A 17 -4.42 0.08 -4.44
CA PRO A 17 -3.54 0.96 -3.73
C PRO A 17 -3.09 2.16 -4.57
N ASP A 18 -2.60 3.19 -3.89
CA ASP A 18 -2.03 4.40 -4.46
C ASP A 18 -0.51 4.22 -4.48
N ARG A 19 0.10 3.97 -3.32
CA ARG A 19 1.52 3.70 -3.21
C ARG A 19 1.80 2.94 -1.92
N CYS A 20 2.90 2.18 -1.90
CA CYS A 20 3.66 1.99 -0.65
C CYS A 20 4.65 3.15 -0.62
N SER A 21 4.57 4.03 0.38
CA SER A 21 5.31 5.28 0.39
C SER A 21 5.35 5.80 1.82
N TYR A 22 6.48 6.37 2.26
CA TYR A 22 6.70 6.76 3.65
C TYR A 22 6.40 5.58 4.59
N GLY A 23 6.81 4.37 4.18
CA GLY A 23 6.56 3.13 4.92
C GLY A 23 5.08 2.88 5.23
N THR A 24 4.18 3.56 4.50
CA THR A 24 2.75 3.57 4.70
C THR A 24 2.12 3.08 3.40
N CYS A 25 1.11 2.21 3.47
CA CYS A 25 0.42 1.72 2.29
C CYS A 25 -0.81 2.62 2.06
N TYR A 26 -0.65 3.57 1.14
CA TYR A 26 -1.67 4.50 0.70
C TYR A 26 -2.59 3.78 -0.28
N CYS A 27 -3.91 3.92 -0.13
CA CYS A 27 -4.89 3.39 -1.08
C CYS A 27 -5.71 4.50 -1.72
N LYS A 28 -6.16 4.30 -2.96
CA LYS A 28 -6.84 5.36 -3.70
C LYS A 28 -8.22 5.62 -3.11
N THR A 29 -8.90 4.55 -2.70
CA THR A 29 -10.18 4.58 -2.02
C THR A 29 -10.26 3.26 -1.28
N THR A 30 -10.72 3.28 -0.04
CA THR A 30 -10.76 2.16 0.88
C THR A 30 -11.42 0.92 0.25
N NH2 A 31 -12.54 1.11 -0.43
HN1 NH2 A 31 -12.92 2.04 -0.54
HN2 NH2 A 31 -12.99 0.32 -0.87
N PCA A 1 10.19 -3.44 5.95
CA PCA A 1 8.75 -3.36 5.81
CB PCA A 1 8.25 -4.80 5.89
CG PCA A 1 9.35 -5.48 6.72
CD PCA A 1 10.56 -4.59 6.53
OE PCA A 1 11.69 -4.96 6.78
C PCA A 1 8.19 -2.52 6.97
O PCA A 1 8.41 -2.87 8.13
HA PCA A 1 8.49 -2.91 4.85
HB2 PCA A 1 8.25 -5.24 4.90
HB3 PCA A 1 7.26 -4.88 6.34
HG2 PCA A 1 9.07 -5.50 7.77
HG3 PCA A 1 9.53 -6.49 6.37
N THR A 2 7.47 -1.45 6.64
CA THR A 2 6.77 -0.62 7.63
C THR A 2 5.33 -1.14 7.68
N GLN A 3 4.35 -0.35 7.27
CA GLN A 3 3.05 -0.93 6.90
C GLN A 3 3.25 -1.94 5.78
N CYS A 4 4.12 -1.56 4.84
CA CYS A 4 4.44 -2.24 3.61
C CYS A 4 5.92 -2.08 3.33
N GLN A 5 6.39 -2.86 2.35
CA GLN A 5 7.70 -2.80 1.74
C GLN A 5 7.59 -2.35 0.28
N SER A 6 6.48 -2.64 -0.40
CA SER A 6 6.29 -2.36 -1.82
C SER A 6 4.79 -2.40 -2.13
N VAL A 7 4.34 -1.80 -3.23
CA VAL A 7 2.93 -1.70 -3.57
C VAL A 7 2.18 -3.04 -3.44
N ARG A 8 2.86 -4.15 -3.76
CA ARG A 8 2.40 -5.51 -3.58
C ARG A 8 1.73 -5.72 -2.21
N ASP A 9 2.34 -5.23 -1.13
CA ASP A 9 1.78 -5.26 0.20
C ASP A 9 0.41 -4.62 0.18
N CYS A 10 0.34 -3.37 -0.29
CA CYS A 10 -0.95 -2.71 -0.40
C CYS A 10 -1.92 -3.49 -1.26
N GLN A 11 -1.47 -4.15 -2.33
CA GLN A 11 -2.37 -4.92 -3.18
C GLN A 11 -3.10 -6.02 -2.37
N GLN A 12 -2.54 -6.44 -1.23
CA GLN A 12 -3.23 -7.33 -0.31
C GLN A 12 -4.18 -6.51 0.58
N TYR A 13 -3.72 -5.40 1.14
CA TYR A 13 -4.51 -4.59 2.07
C TYR A 13 -5.69 -3.86 1.40
N CYS A 14 -5.61 -3.59 0.09
CA CYS A 14 -6.49 -2.69 -0.67
C CYS A 14 -6.60 -3.21 -2.09
N LEU A 15 -7.80 -3.15 -2.67
CA LEU A 15 -8.03 -3.59 -4.04
C LEU A 15 -7.31 -2.66 -5.02
N THR A 16 -7.37 -1.35 -4.78
CA THR A 16 -6.73 -0.35 -5.65
C THR A 16 -5.83 0.59 -4.86
N PRO A 17 -4.60 0.17 -4.55
CA PRO A 17 -3.66 1.03 -3.86
C PRO A 17 -3.16 2.21 -4.69
N ASP A 18 -2.69 3.25 -3.99
CA ASP A 18 -2.01 4.39 -4.56
C ASP A 18 -0.53 4.01 -4.66
N ARG A 19 0.11 3.74 -3.51
CA ARG A 19 1.51 3.41 -3.43
C ARG A 19 1.79 2.75 -2.08
N CYS A 20 2.84 1.93 -2.02
CA CYS A 20 3.62 1.84 -0.80
C CYS A 20 4.59 3.02 -0.84
N SER A 21 4.45 3.98 0.07
CA SER A 21 5.21 5.21 0.04
C SER A 21 5.18 5.81 1.44
N TYR A 22 6.26 6.46 1.88
CA TYR A 22 6.34 7.02 3.23
C TYR A 22 6.07 5.94 4.29
N GLY A 23 6.57 4.72 4.05
CA GLY A 23 6.34 3.56 4.90
C GLY A 23 4.86 3.22 5.12
N THR A 24 3.99 3.78 4.29
CA THR A 24 2.54 3.73 4.41
C THR A 24 2.01 3.11 3.11
N CYS A 25 1.08 2.16 3.21
CA CYS A 25 0.40 1.66 2.03
C CYS A 25 -0.79 2.59 1.77
N TYR A 26 -0.52 3.63 1.00
CA TYR A 26 -1.51 4.60 0.56
C TYR A 26 -2.47 3.91 -0.39
N CYS A 27 -3.78 4.07 -0.19
CA CYS A 27 -4.78 3.47 -1.06
C CYS A 27 -5.45 4.53 -1.94
N LYS A 28 -5.71 4.19 -3.22
CA LYS A 28 -6.16 5.18 -4.19
C LYS A 28 -7.59 5.59 -3.86
N THR A 29 -8.36 4.64 -3.34
CA THR A 29 -9.63 4.88 -2.65
C THR A 29 -9.67 3.83 -1.54
N THR A 30 -10.81 3.18 -1.29
CA THR A 30 -10.90 2.14 -0.28
C THR A 30 -10.19 0.85 -0.73
N NH2 A 31 -10.22 -0.17 0.11
HN1 NH2 A 31 -10.77 -0.06 0.96
HN2 NH2 A 31 -9.76 -1.03 -0.10
N PCA A 1 10.87 -2.02 6.10
CA PCA A 1 9.43 -2.26 6.01
CB PCA A 1 9.24 -3.70 6.47
CG PCA A 1 10.40 -3.86 7.45
CD PCA A 1 11.43 -2.85 6.98
OE PCA A 1 12.62 -2.94 7.27
C PCA A 1 8.69 -1.31 6.94
O PCA A 1 9.23 -0.84 7.95
HA PCA A 1 9.09 -2.11 4.99
HB2 PCA A 1 9.40 -4.38 5.63
HB3 PCA A 1 8.27 -3.89 6.92
HG2 PCA A 1 10.07 -3.59 8.47
HG3 PCA A 1 10.80 -4.88 7.45
N THR A 2 7.42 -1.02 6.64
CA THR A 2 6.53 -0.34 7.57
C THR A 2 5.16 -0.98 7.43
N GLN A 3 4.13 -0.26 6.98
CA GLN A 3 2.89 -0.91 6.57
C GLN A 3 3.17 -1.91 5.45
N CYS A 4 4.10 -1.52 4.56
CA CYS A 4 4.48 -2.22 3.36
C CYS A 4 5.97 -2.03 3.12
N GLN A 5 6.46 -2.70 2.08
CA GLN A 5 7.75 -2.53 1.44
C GLN A 5 7.57 -2.01 0.01
N SER A 6 6.50 -2.39 -0.70
CA SER A 6 6.29 -2.03 -2.10
C SER A 6 4.80 -2.20 -2.42
N VAL A 7 4.32 -1.63 -3.53
CA VAL A 7 2.90 -1.61 -3.86
C VAL A 7 2.24 -3.00 -3.76
N ARG A 8 2.99 -4.05 -4.12
CA ARG A 8 2.59 -5.45 -3.99
C ARG A 8 1.99 -5.78 -2.62
N ASP A 9 2.51 -5.19 -1.55
CA ASP A 9 1.97 -5.30 -0.21
C ASP A 9 0.56 -4.73 -0.20
N CYS A 10 0.44 -3.45 -0.61
CA CYS A 10 -0.87 -2.83 -0.65
C CYS A 10 -1.84 -3.61 -1.52
N GLN A 11 -1.37 -4.22 -2.62
CA GLN A 11 -2.27 -4.97 -3.51
C GLN A 11 -2.98 -6.10 -2.74
N GLN A 12 -2.41 -6.55 -1.62
CA GLN A 12 -3.05 -7.51 -0.73
C GLN A 12 -3.99 -6.78 0.24
N TYR A 13 -3.53 -5.66 0.83
CA TYR A 13 -4.36 -4.90 1.77
C TYR A 13 -5.59 -4.24 1.12
N CYS A 14 -5.53 -3.92 -0.18
CA CYS A 14 -6.44 -3.04 -0.89
C CYS A 14 -6.62 -3.56 -2.31
N LEU A 15 -7.85 -3.57 -2.80
CA LEU A 15 -8.14 -3.99 -4.17
C LEU A 15 -7.59 -2.98 -5.18
N THR A 16 -7.39 -1.71 -4.79
CA THR A 16 -6.83 -0.70 -5.67
C THR A 16 -6.00 0.33 -4.90
N PRO A 17 -4.75 -0.03 -4.56
CA PRO A 17 -3.84 0.89 -3.92
C PRO A 17 -3.47 2.07 -4.81
N ASP A 18 -2.92 3.11 -4.16
CA ASP A 18 -2.30 4.26 -4.79
C ASP A 18 -0.80 4.01 -4.82
N ARG A 19 -0.19 3.84 -3.64
CA ARG A 19 1.25 3.67 -3.54
C ARG A 19 1.60 3.00 -2.21
N CYS A 20 2.69 2.24 -2.20
CA CYS A 20 3.47 2.05 -0.98
C CYS A 20 4.45 3.21 -0.94
N SER A 21 4.30 4.13 0.01
CA SER A 21 5.03 5.39 0.02
C SER A 21 4.95 5.97 1.43
N TYR A 22 6.02 6.62 1.89
CA TYR A 22 6.08 7.15 3.26
C TYR A 22 5.73 6.07 4.29
N GLY A 23 6.26 4.85 4.08
CA GLY A 23 6.00 3.68 4.92
C GLY A 23 4.52 3.32 5.05
N THR A 24 3.67 3.90 4.20
CA THR A 24 2.22 3.80 4.25
C THR A 24 1.77 3.18 2.95
N CYS A 25 0.85 2.20 3.01
CA CYS A 25 0.24 1.66 1.80
C CYS A 25 -1.04 2.46 1.53
N TYR A 26 -0.86 3.55 0.79
CA TYR A 26 -1.91 4.46 0.36
C TYR A 26 -2.83 3.73 -0.61
N CYS A 27 -4.15 3.95 -0.52
CA CYS A 27 -5.15 3.36 -1.40
C CYS A 27 -6.10 4.42 -1.95
N LYS A 28 -6.56 4.22 -3.20
CA LYS A 28 -7.36 5.21 -3.91
C LYS A 28 -8.55 5.68 -3.08
N THR A 29 -9.21 4.73 -2.38
CA THR A 29 -10.29 5.01 -1.44
C THR A 29 -9.89 4.48 -0.06
N THR A 30 -8.69 4.88 0.41
CA THR A 30 -8.24 4.56 1.77
C THR A 30 -9.24 5.03 2.83
N NH2 A 31 -9.84 6.21 2.63
HN1 NH2 A 31 -9.62 6.75 1.81
HN2 NH2 A 31 -10.50 6.54 3.31
N PCA A 1 9.70 -2.38 5.21
CA PCA A 1 8.75 -3.26 5.88
CB PCA A 1 9.58 -4.49 6.30
CG PCA A 1 10.98 -3.88 6.47
CD PCA A 1 10.94 -2.65 5.57
OE PCA A 1 11.97 -2.13 5.16
C PCA A 1 8.17 -2.51 7.09
O PCA A 1 8.45 -2.85 8.23
HA PCA A 1 7.94 -3.56 5.23
HB2 PCA A 1 9.61 -5.18 5.46
HB3 PCA A 1 9.22 -4.99 7.19
HG2 PCA A 1 11.12 -3.56 7.51
HG3 PCA A 1 11.75 -4.58 6.18
N THR A 2 7.37 -1.49 6.81
CA THR A 2 6.65 -0.72 7.82
C THR A 2 5.21 -1.25 7.83
N GLN A 3 4.22 -0.47 7.38
CA GLN A 3 2.95 -1.07 6.96
C GLN A 3 3.20 -2.03 5.80
N CYS A 4 4.16 -1.66 4.95
CA CYS A 4 4.52 -2.34 3.73
C CYS A 4 6.01 -2.14 3.50
N GLN A 5 6.55 -3.00 2.63
CA GLN A 5 7.85 -2.90 2.00
C GLN A 5 7.67 -2.33 0.59
N SER A 6 6.63 -2.76 -0.13
CA SER A 6 6.36 -2.29 -1.49
C SER A 6 4.89 -2.41 -1.83
N VAL A 7 4.54 -1.89 -3.01
CA VAL A 7 3.17 -1.80 -3.45
C VAL A 7 2.41 -3.13 -3.32
N ARG A 8 3.09 -4.26 -3.58
CA ARG A 8 2.54 -5.60 -3.40
C ARG A 8 1.87 -5.79 -2.03
N ASP A 9 2.52 -5.33 -0.96
CA ASP A 9 1.98 -5.38 0.38
C ASP A 9 0.62 -4.69 0.37
N CYS A 10 0.57 -3.46 -0.15
CA CYS A 10 -0.74 -2.84 -0.25
C CYS A 10 -1.67 -3.65 -1.14
N GLN A 11 -1.22 -4.22 -2.26
CA GLN A 11 -2.11 -5.00 -3.12
C GLN A 11 -2.76 -6.15 -2.33
N GLN A 12 -2.01 -6.74 -1.37
CA GLN A 12 -2.55 -7.73 -0.47
C GLN A 12 -3.66 -7.14 0.42
N TYR A 13 -3.51 -5.89 0.88
CA TYR A 13 -4.52 -5.21 1.70
C TYR A 13 -5.76 -4.78 0.88
N CYS A 14 -5.52 -3.89 -0.10
CA CYS A 14 -6.46 -3.03 -0.81
C CYS A 14 -6.55 -3.47 -2.26
N LEU A 15 -7.75 -3.44 -2.83
CA LEU A 15 -7.94 -3.75 -4.25
C LEU A 15 -7.13 -2.79 -5.12
N THR A 16 -7.19 -1.49 -4.81
CA THR A 16 -6.57 -0.44 -5.63
C THR A 16 -5.70 0.48 -4.77
N PRO A 17 -4.48 0.08 -4.42
CA PRO A 17 -3.59 0.92 -3.67
C PRO A 17 -3.14 2.16 -4.45
N ASP A 18 -2.78 3.20 -3.72
CA ASP A 18 -2.14 4.40 -4.23
C ASP A 18 -0.65 4.07 -4.35
N ARG A 19 -0.01 3.75 -3.22
CA ARG A 19 1.40 3.45 -3.16
C ARG A 19 1.69 2.75 -1.83
N CYS A 20 2.77 1.96 -1.80
CA CYS A 20 3.56 1.86 -0.59
C CYS A 20 4.49 3.07 -0.62
N SER A 21 4.33 4.01 0.31
CA SER A 21 5.07 5.25 0.30
C SER A 21 5.11 5.82 1.71
N TYR A 22 6.25 6.39 2.13
CA TYR A 22 6.48 6.83 3.51
C TYR A 22 6.08 5.72 4.50
N GLY A 23 6.51 4.49 4.22
CA GLY A 23 6.24 3.31 5.05
C GLY A 23 4.75 3.03 5.26
N THR A 24 3.89 3.66 4.47
CA THR A 24 2.44 3.64 4.58
C THR A 24 1.91 3.01 3.30
N CYS A 25 1.04 2.00 3.41
CA CYS A 25 0.35 1.46 2.24
C CYS A 25 -0.88 2.35 2.02
N TYR A 26 -0.65 3.42 1.27
CA TYR A 26 -1.67 4.37 0.86
C TYR A 26 -2.62 3.66 -0.11
N CYS A 27 -3.93 3.79 0.07
CA CYS A 27 -4.92 3.22 -0.84
C CYS A 27 -5.63 4.32 -1.62
N LYS A 28 -5.89 4.09 -2.92
CA LYS A 28 -6.34 5.16 -3.81
C LYS A 28 -7.79 5.50 -3.51
N THR A 29 -8.60 4.48 -3.24
CA THR A 29 -9.96 4.59 -2.73
C THR A 29 -10.05 3.73 -1.47
N THR A 30 -11.12 2.94 -1.31
CA THR A 30 -11.40 2.15 -0.12
C THR A 30 -10.47 0.93 -0.03
N NH2 A 31 -9.19 1.16 0.19
HN1 NH2 A 31 -8.86 2.13 0.22
HN2 NH2 A 31 -8.55 0.39 0.27
N PCA A 1 10.40 -2.53 8.72
CA PCA A 1 9.93 -1.52 9.66
CB PCA A 1 11.20 -0.86 10.19
CG PCA A 1 12.14 -1.00 8.98
CD PCA A 1 11.61 -2.23 8.26
OE PCA A 1 12.29 -2.87 7.48
C PCA A 1 9.02 -0.54 8.91
O PCA A 1 9.23 0.66 8.93
HA PCA A 1 9.37 -1.99 10.48
HB2 PCA A 1 11.60 -1.46 11.01
HB3 PCA A 1 11.08 0.17 10.51
HG2 PCA A 1 12.05 -0.13 8.33
HG3 PCA A 1 13.18 -1.13 9.29
N THR A 2 8.00 -1.08 8.23
CA THR A 2 7.04 -0.38 7.42
C THR A 2 5.82 -1.31 7.42
N GLN A 3 4.67 -0.77 7.02
CA GLN A 3 3.49 -1.55 6.73
C GLN A 3 3.76 -2.50 5.56
N CYS A 4 4.44 -1.99 4.53
CA CYS A 4 4.65 -2.64 3.25
C CYS A 4 6.10 -2.55 2.85
N GLN A 5 6.59 -3.63 2.25
CA GLN A 5 7.93 -3.69 1.67
C GLN A 5 7.96 -2.88 0.37
N SER A 6 6.84 -2.89 -0.37
CA SER A 6 6.69 -2.28 -1.69
C SER A 6 5.20 -2.39 -2.05
N VAL A 7 4.78 -1.77 -3.14
CA VAL A 7 3.40 -1.72 -3.58
C VAL A 7 2.72 -3.10 -3.54
N ARG A 8 3.43 -4.17 -3.92
CA ARG A 8 2.97 -5.55 -3.83
C ARG A 8 2.28 -5.84 -2.50
N ASP A 9 2.88 -5.41 -1.39
CA ASP A 9 2.32 -5.64 -0.07
C ASP A 9 0.97 -4.96 0.05
N CYS A 10 0.85 -3.72 -0.43
CA CYS A 10 -0.48 -3.14 -0.50
C CYS A 10 -1.37 -3.91 -1.48
N GLN A 11 -0.86 -4.42 -2.60
CA GLN A 11 -1.69 -5.13 -3.56
C GLN A 11 -2.32 -6.36 -2.91
N GLN A 12 -1.56 -7.06 -2.05
CA GLN A 12 -2.10 -8.13 -1.22
C GLN A 12 -3.26 -7.60 -0.37
N TYR A 13 -3.08 -6.42 0.23
CA TYR A 13 -4.05 -5.82 1.16
C TYR A 13 -5.32 -5.27 0.50
N CYS A 14 -5.16 -4.64 -0.67
CA CYS A 14 -6.11 -3.70 -1.28
C CYS A 14 -6.21 -3.99 -2.77
N LEU A 15 -7.45 -3.96 -3.30
CA LEU A 15 -7.72 -4.19 -4.71
C LEU A 15 -7.09 -3.10 -5.59
N THR A 16 -6.88 -1.89 -5.06
CA THR A 16 -6.24 -0.80 -5.82
C THR A 16 -5.48 0.14 -4.89
N PRO A 17 -4.26 -0.23 -4.49
CA PRO A 17 -3.44 0.64 -3.70
C PRO A 17 -3.08 1.93 -4.44
N ASP A 18 -2.87 3.00 -3.67
CA ASP A 18 -2.35 4.25 -4.14
C ASP A 18 -0.84 4.08 -4.25
N ARG A 19 -0.19 3.79 -3.11
CA ARG A 19 1.25 3.65 -3.05
C ARG A 19 1.65 2.86 -1.81
N CYS A 20 2.81 2.21 -1.86
CA CYS A 20 3.60 1.93 -0.67
C CYS A 20 4.55 3.11 -0.52
N SER A 21 4.36 3.98 0.46
CA SER A 21 5.02 5.27 0.53
C SER A 21 4.91 5.79 1.96
N TYR A 22 5.90 6.54 2.46
CA TYR A 22 6.00 6.94 3.86
C TYR A 22 5.86 5.70 4.78
N GLY A 23 6.46 4.58 4.37
CA GLY A 23 6.38 3.30 5.07
C GLY A 23 4.95 2.80 5.30
N THR A 24 3.98 3.35 4.56
CA THR A 24 2.55 3.15 4.72
C THR A 24 2.02 2.61 3.40
N CYS A 25 1.13 1.61 3.44
CA CYS A 25 0.45 1.13 2.25
C CYS A 25 -0.84 1.94 2.11
N TYR A 26 -0.73 3.03 1.35
CA TYR A 26 -1.83 3.91 1.01
C TYR A 26 -2.73 3.19 0.01
N CYS A 27 -4.05 3.14 0.26
CA CYS A 27 -5.01 2.60 -0.71
C CYS A 27 -5.83 3.71 -1.36
N LYS A 28 -6.10 3.57 -2.66
CA LYS A 28 -6.66 4.64 -3.48
C LYS A 28 -8.18 4.75 -3.27
N THR A 29 -8.59 4.92 -2.02
CA THR A 29 -9.99 4.87 -1.59
C THR A 29 -10.21 5.99 -0.58
N THR A 30 -9.97 7.23 -1.02
CA THR A 30 -10.10 8.41 -0.18
C THR A 30 -10.18 9.66 -1.07
N NH2 A 31 -9.24 9.83 -2.00
HN1 NH2 A 31 -8.47 9.19 -2.06
HN2 NH2 A 31 -9.29 10.65 -2.59
N PCA A 1 10.73 -2.27 4.57
CA PCA A 1 9.58 -2.90 5.18
CB PCA A 1 10.05 -4.31 5.56
CG PCA A 1 11.54 -4.10 5.77
CD PCA A 1 11.86 -2.86 4.94
OE PCA A 1 13.00 -2.59 4.59
C PCA A 1 9.16 -2.08 6.41
O PCA A 1 9.65 -2.32 7.50
HA PCA A 1 8.75 -2.97 4.48
HB2 PCA A 1 9.89 -4.98 4.71
HB3 PCA A 1 9.55 -4.71 6.45
HG2 PCA A 1 11.76 -3.89 6.82
HG3 PCA A 1 12.11 -4.97 5.43
N THR A 2 8.28 -1.11 6.19
CA THR A 2 7.60 -0.38 7.26
C THR A 2 6.23 -1.03 7.42
N GLN A 3 5.14 -0.28 7.25
CA GLN A 3 3.81 -0.89 7.16
C GLN A 3 3.72 -1.72 5.87
N CYS A 4 4.45 -1.28 4.84
CA CYS A 4 4.72 -2.00 3.61
C CYS A 4 6.19 -1.79 3.26
N GLN A 5 6.69 -2.62 2.37
CA GLN A 5 7.96 -2.47 1.68
C GLN A 5 7.71 -1.87 0.31
N SER A 6 6.64 -2.31 -0.38
CA SER A 6 6.46 -2.03 -1.80
C SER A 6 4.98 -2.20 -2.14
N VAL A 7 4.48 -1.55 -3.19
CA VAL A 7 3.06 -1.51 -3.51
C VAL A 7 2.37 -2.88 -3.42
N ARG A 8 3.05 -3.96 -3.79
CA ARG A 8 2.58 -5.32 -3.67
C ARG A 8 1.99 -5.65 -2.29
N ASP A 9 2.62 -5.16 -1.21
CA ASP A 9 2.12 -5.26 0.15
C ASP A 9 0.70 -4.71 0.18
N CYS A 10 0.54 -3.48 -0.33
CA CYS A 10 -0.78 -2.93 -0.44
C CYS A 10 -1.67 -3.72 -1.39
N GLN A 11 -1.15 -4.28 -2.49
CA GLN A 11 -2.00 -5.03 -3.42
C GLN A 11 -2.68 -6.21 -2.71
N GLN A 12 -1.99 -6.82 -1.73
CA GLN A 12 -2.63 -7.81 -0.88
C GLN A 12 -3.72 -7.17 -0.01
N TYR A 13 -3.41 -6.02 0.61
CA TYR A 13 -4.31 -5.35 1.55
C TYR A 13 -5.59 -4.80 0.92
N CYS A 14 -5.46 -4.22 -0.28
CA CYS A 14 -6.40 -3.33 -0.96
C CYS A 14 -6.47 -3.73 -2.42
N LEU A 15 -7.68 -3.73 -2.99
CA LEU A 15 -7.87 -4.05 -4.40
C LEU A 15 -7.14 -3.01 -5.27
N THR A 16 -7.32 -1.72 -4.96
CA THR A 16 -6.70 -0.62 -5.72
C THR A 16 -5.87 0.29 -4.81
N PRO A 17 -4.63 -0.08 -4.49
CA PRO A 17 -3.76 0.80 -3.75
C PRO A 17 -3.35 2.04 -4.53
N ASP A 18 -2.89 3.05 -3.79
CA ASP A 18 -2.29 4.25 -4.35
C ASP A 18 -0.80 3.97 -4.50
N ARG A 19 -0.12 3.71 -3.38
CA ARG A 19 1.31 3.50 -3.34
C ARG A 19 1.67 2.81 -2.02
N CYS A 20 2.81 2.11 -2.00
CA CYS A 20 3.59 2.03 -0.79
C CYS A 20 4.46 3.29 -0.77
N SER A 21 4.24 4.20 0.17
CA SER A 21 4.87 5.51 0.18
C SER A 21 4.81 6.07 1.60
N TYR A 22 5.82 6.84 2.00
CA TYR A 22 5.92 7.39 3.36
C TYR A 22 5.85 6.29 4.43
N GLY A 23 6.33 5.08 4.09
CA GLY A 23 6.30 3.93 4.99
C GLY A 23 4.89 3.34 5.20
N THR A 24 3.89 3.83 4.47
CA THR A 24 2.49 3.46 4.57
C THR A 24 2.01 2.91 3.22
N CYS A 25 1.21 1.85 3.25
CA CYS A 25 0.51 1.39 2.07
C CYS A 25 -0.74 2.26 1.93
N TYR A 26 -0.61 3.35 1.16
CA TYR A 26 -1.68 4.25 0.83
C TYR A 26 -2.61 3.51 -0.11
N CYS A 27 -3.91 3.40 0.22
CA CYS A 27 -4.88 2.84 -0.71
C CYS A 27 -5.54 3.95 -1.51
N LYS A 28 -5.88 3.73 -2.78
CA LYS A 28 -6.56 4.76 -3.54
C LYS A 28 -7.98 4.86 -3.01
N THR A 29 -8.66 3.72 -2.91
CA THR A 29 -10.00 3.61 -2.36
C THR A 29 -10.00 3.69 -0.82
N THR A 30 -9.32 4.69 -0.24
CA THR A 30 -9.40 4.92 1.21
C THR A 30 -10.74 5.59 1.51
N NH2 A 31 -11.82 4.82 1.46
HN1 NH2 A 31 -11.71 3.86 1.16
HN2 NH2 A 31 -12.73 5.22 1.64
N PCA A 1 10.55 -1.80 5.42
CA PCA A 1 9.41 -2.55 5.89
CB PCA A 1 9.99 -3.85 6.43
CG PCA A 1 11.40 -3.43 6.84
CD PCA A 1 11.69 -2.21 6.00
OE PCA A 1 12.82 -1.81 5.78
C PCA A 1 8.72 -1.76 7.01
O PCA A 1 9.36 -1.39 8.00
HA PCA A 1 8.71 -2.74 5.08
HB2 PCA A 1 10.05 -4.58 5.61
HB3 PCA A 1 9.42 -4.28 7.27
HG2 PCA A 1 11.43 -3.16 7.90
HG3 PCA A 1 12.12 -4.24 6.64
N THR A 2 7.43 -1.49 6.88
CA THR A 2 6.62 -0.85 7.91
C THR A 2 5.22 -1.47 7.85
N GLN A 3 4.19 -0.73 7.44
CA GLN A 3 2.93 -1.36 7.05
C GLN A 3 3.21 -2.33 5.89
N CYS A 4 4.04 -1.87 4.97
CA CYS A 4 4.44 -2.53 3.75
C CYS A 4 5.93 -2.33 3.54
N GLN A 5 6.48 -3.10 2.62
CA GLN A 5 7.81 -2.96 2.03
C GLN A 5 7.66 -2.36 0.62
N SER A 6 6.64 -2.79 -0.14
CA SER A 6 6.39 -2.30 -1.48
C SER A 6 4.93 -2.47 -1.85
N VAL A 7 4.59 -2.02 -3.05
CA VAL A 7 3.22 -2.02 -3.53
C VAL A 7 2.59 -3.41 -3.44
N ARG A 8 3.37 -4.47 -3.68
CA ARG A 8 3.01 -5.87 -3.46
C ARG A 8 2.24 -6.08 -2.13
N ASP A 9 2.71 -5.49 -1.04
CA ASP A 9 2.09 -5.59 0.25
C ASP A 9 0.70 -5.00 0.16
N CYS A 10 0.59 -3.74 -0.29
CA CYS A 10 -0.72 -3.13 -0.42
C CYS A 10 -1.62 -3.94 -1.34
N GLN A 11 -1.11 -4.54 -2.41
CA GLN A 11 -1.95 -5.34 -3.31
C GLN A 11 -2.69 -6.46 -2.56
N GLN A 12 -2.15 -6.91 -1.42
CA GLN A 12 -2.82 -7.89 -0.57
C GLN A 12 -3.80 -7.17 0.35
N TYR A 13 -3.41 -6.05 0.95
CA TYR A 13 -4.26 -5.29 1.87
C TYR A 13 -5.46 -4.61 1.15
N CYS A 14 -5.35 -4.33 -0.14
CA CYS A 14 -6.23 -3.43 -0.90
C CYS A 14 -6.28 -3.88 -2.35
N LEU A 15 -7.46 -3.85 -2.96
CA LEU A 15 -7.63 -4.21 -4.37
C LEU A 15 -6.86 -3.21 -5.25
N THR A 16 -7.02 -1.90 -4.98
CA THR A 16 -6.44 -0.83 -5.78
C THR A 16 -5.60 0.13 -4.95
N PRO A 17 -4.38 -0.26 -4.56
CA PRO A 17 -3.51 0.61 -3.81
C PRO A 17 -3.07 1.84 -4.59
N ASP A 18 -2.76 2.90 -3.85
CA ASP A 18 -2.21 4.15 -4.36
C ASP A 18 -0.70 3.99 -4.39
N ARG A 19 -0.08 3.77 -3.21
CA ARG A 19 1.34 3.52 -3.09
C ARG A 19 1.64 2.81 -1.78
N CYS A 20 2.69 1.99 -1.78
CA CYS A 20 3.47 1.79 -0.56
C CYS A 20 4.42 2.99 -0.50
N SER A 21 4.26 3.87 0.48
CA SER A 21 4.97 5.14 0.54
C SER A 21 4.93 5.67 1.97
N TYR A 22 6.00 6.29 2.45
CA TYR A 22 6.14 6.71 3.86
C TYR A 22 5.80 5.56 4.81
N GLY A 23 6.30 4.35 4.50
CA GLY A 23 6.06 3.14 5.27
C GLY A 23 4.57 2.80 5.46
N THR A 24 3.70 3.40 4.64
CA THR A 24 2.26 3.34 4.73
C THR A 24 1.75 2.80 3.40
N CYS A 25 0.84 1.83 3.41
CA CYS A 25 0.23 1.34 2.18
C CYS A 25 -1.03 2.16 1.92
N TYR A 26 -0.84 3.28 1.22
CA TYR A 26 -1.88 4.18 0.78
C TYR A 26 -2.76 3.45 -0.22
N CYS A 27 -4.09 3.50 -0.06
CA CYS A 27 -5.03 2.87 -0.98
C CYS A 27 -5.87 3.90 -1.70
N LYS A 28 -6.05 3.75 -3.02
CA LYS A 28 -6.58 4.76 -3.92
C LYS A 28 -8.11 4.79 -3.79
N THR A 29 -8.56 5.17 -2.60
CA THR A 29 -9.92 5.00 -2.11
C THR A 29 -10.48 6.35 -1.68
N THR A 30 -10.20 6.71 -0.45
CA THR A 30 -10.58 7.94 0.22
C THR A 30 -9.69 8.12 1.46
N NH2 A 31 -10.02 9.05 2.32
HN1 NH2 A 31 -10.88 9.58 2.14
HN2 NH2 A 31 -9.48 9.20 3.15
N PCA A 1 10.44 -3.17 5.83
CA PCA A 1 9.00 -3.15 5.91
CB PCA A 1 8.59 -4.60 6.21
CG PCA A 1 9.82 -5.14 6.93
CD PCA A 1 10.95 -4.23 6.46
OE PCA A 1 12.13 -4.56 6.54
C PCA A 1 8.57 -2.23 7.05
O PCA A 1 8.98 -2.43 8.19
HA PCA A 1 8.56 -2.82 4.96
HB2 PCA A 1 8.46 -5.14 5.27
HB3 PCA A 1 7.69 -4.67 6.82
HG2 PCA A 1 9.72 -5.05 8.01
HG3 PCA A 1 10.01 -6.18 6.66
N THR A 2 7.75 -1.21 6.74
CA THR A 2 7.08 -0.39 7.74
C THR A 2 5.65 -0.93 7.86
N GLN A 3 4.64 -0.16 7.46
CA GLN A 3 3.34 -0.77 7.17
C GLN A 3 3.51 -1.77 6.03
N CYS A 4 4.33 -1.38 5.06
CA CYS A 4 4.60 -2.11 3.83
C CYS A 4 6.08 -1.97 3.51
N GLN A 5 6.53 -2.83 2.61
CA GLN A 5 7.84 -2.81 1.97
C GLN A 5 7.69 -2.28 0.54
N SER A 6 6.59 -2.62 -0.14
CA SER A 6 6.36 -2.29 -1.55
C SER A 6 4.89 -2.45 -1.87
N VAL A 7 4.42 -1.87 -2.99
CA VAL A 7 3.01 -1.79 -3.32
C VAL A 7 2.26 -3.12 -3.18
N ARG A 8 2.91 -4.25 -3.47
CA ARG A 8 2.46 -5.60 -3.17
C ARG A 8 1.73 -5.70 -1.83
N ASP A 9 2.37 -5.21 -0.76
CA ASP A 9 1.83 -5.19 0.59
C ASP A 9 0.44 -4.54 0.56
N CYS A 10 0.38 -3.31 0.03
CA CYS A 10 -0.92 -2.66 -0.06
C CYS A 10 -1.86 -3.45 -0.95
N GLN A 11 -1.40 -4.05 -2.05
CA GLN A 11 -2.27 -4.79 -2.96
C GLN A 11 -2.96 -5.94 -2.22
N GLN A 12 -2.28 -6.55 -1.25
CA GLN A 12 -2.92 -7.51 -0.36
C GLN A 12 -4.00 -6.83 0.48
N TYR A 13 -3.72 -5.64 1.02
CA TYR A 13 -4.63 -4.94 1.93
C TYR A 13 -5.76 -4.14 1.24
N CYS A 14 -5.64 -3.80 -0.04
CA CYS A 14 -6.48 -2.83 -0.73
C CYS A 14 -6.59 -3.26 -2.20
N LEU A 15 -7.80 -3.17 -2.76
CA LEU A 15 -8.02 -3.52 -4.17
C LEU A 15 -7.19 -2.61 -5.08
N THR A 16 -7.28 -1.29 -4.84
CA THR A 16 -6.57 -0.27 -5.64
C THR A 16 -5.72 0.63 -4.75
N PRO A 17 -4.51 0.21 -4.36
CA PRO A 17 -3.61 1.06 -3.64
C PRO A 17 -3.13 2.24 -4.49
N ASP A 18 -2.70 3.30 -3.81
CA ASP A 18 -1.98 4.40 -4.40
C ASP A 18 -0.51 3.99 -4.46
N ARG A 19 0.09 3.74 -3.29
CA ARG A 19 1.50 3.41 -3.19
C ARG A 19 1.77 2.76 -1.84
N CYS A 20 2.83 1.95 -1.79
CA CYS A 20 3.62 1.89 -0.58
C CYS A 20 4.56 3.08 -0.63
N SER A 21 4.40 4.07 0.25
CA SER A 21 5.14 5.31 0.22
C SER A 21 5.18 5.93 1.60
N TYR A 22 6.28 6.56 1.99
CA TYR A 22 6.50 7.04 3.36
C TYR A 22 6.22 5.92 4.37
N GLY A 23 6.67 4.70 4.07
CA GLY A 23 6.46 3.52 4.90
C GLY A 23 4.98 3.22 5.21
N THR A 24 4.08 3.81 4.43
CA THR A 24 2.64 3.79 4.61
C THR A 24 2.04 3.19 3.35
N CYS A 25 1.10 2.25 3.48
CA CYS A 25 0.40 1.73 2.31
C CYS A 25 -0.81 2.64 2.05
N TYR A 26 -0.59 3.64 1.20
CA TYR A 26 -1.60 4.59 0.75
C TYR A 26 -2.56 3.85 -0.17
N CYS A 27 -3.89 3.97 0.07
CA CYS A 27 -4.90 3.41 -0.82
C CYS A 27 -5.70 4.50 -1.52
N LYS A 28 -6.05 4.27 -2.80
CA LYS A 28 -6.69 5.26 -3.63
C LYS A 28 -8.17 5.43 -3.28
N THR A 29 -8.74 4.43 -2.59
CA THR A 29 -10.07 4.44 -2.03
C THR A 29 -10.04 3.35 -0.96
N THR A 30 -11.19 2.77 -0.65
CA THR A 30 -11.41 1.81 0.41
C THR A 30 -10.72 0.46 0.10
N NH2 A 31 -9.40 0.43 0.17
HN1 NH2 A 31 -8.89 1.30 0.32
HN2 NH2 A 31 -8.90 -0.43 0.03
N PCA A 1 11.57 -2.02 4.74
CA PCA A 1 10.12 -2.13 4.79
CB PCA A 1 9.86 -3.61 5.09
CG PCA A 1 11.10 -3.99 5.89
CD PCA A 1 12.15 -3.00 5.43
OE PCA A 1 13.35 -3.22 5.54
C PCA A 1 9.57 -1.27 5.93
O PCA A 1 10.29 -0.85 6.83
HA PCA A 1 9.68 -1.81 3.85
HB2 PCA A 1 9.85 -4.17 4.15
HB3 PCA A 1 8.92 -3.78 5.63
HG2 PCA A 1 10.91 -3.85 6.96
HG3 PCA A 1 11.39 -5.02 5.69
N THR A 2 8.26 -1.01 5.91
CA THR A 2 7.57 -0.36 7.02
C THR A 2 6.18 -0.98 7.12
N GLN A 3 5.11 -0.20 6.92
CA GLN A 3 3.77 -0.78 6.79
C GLN A 3 3.71 -1.71 5.58
N CYS A 4 4.53 -1.42 4.57
CA CYS A 4 4.67 -2.17 3.34
C CYS A 4 6.14 -2.28 3.00
N GLN A 5 6.49 -3.33 2.27
CA GLN A 5 7.77 -3.49 1.59
C GLN A 5 7.77 -2.68 0.30
N SER A 6 6.66 -2.73 -0.44
CA SER A 6 6.50 -2.17 -1.77
C SER A 6 5.01 -2.25 -2.12
N VAL A 7 4.59 -1.69 -3.26
CA VAL A 7 3.20 -1.64 -3.67
C VAL A 7 2.50 -3.01 -3.62
N ARG A 8 3.23 -4.10 -3.89
CA ARG A 8 2.76 -5.47 -3.69
C ARG A 8 2.08 -5.67 -2.33
N ASP A 9 2.69 -5.13 -1.27
CA ASP A 9 2.15 -5.26 0.08
C ASP A 9 0.78 -4.57 0.13
N CYS A 10 0.71 -3.34 -0.36
CA CYS A 10 -0.60 -2.71 -0.39
C CYS A 10 -1.56 -3.49 -1.27
N GLN A 11 -1.12 -4.11 -2.37
CA GLN A 11 -2.02 -4.84 -3.25
C GLN A 11 -2.72 -5.98 -2.51
N GLN A 12 -2.03 -6.70 -1.62
CA GLN A 12 -2.68 -7.67 -0.79
C GLN A 12 -3.60 -7.01 0.26
N TYR A 13 -3.28 -5.78 0.68
CA TYR A 13 -4.05 -5.04 1.68
C TYR A 13 -5.35 -4.41 1.13
N CYS A 14 -5.31 -3.94 -0.12
CA CYS A 14 -6.26 -3.01 -0.74
C CYS A 14 -6.47 -3.43 -2.19
N LEU A 15 -7.72 -3.44 -2.65
CA LEU A 15 -8.03 -3.79 -4.03
C LEU A 15 -7.47 -2.76 -5.02
N THR A 16 -7.23 -1.51 -4.59
CA THR A 16 -6.63 -0.50 -5.45
C THR A 16 -5.79 0.49 -4.64
N PRO A 17 -4.56 0.11 -4.30
CA PRO A 17 -3.65 0.99 -3.64
C PRO A 17 -3.27 2.20 -4.49
N ASP A 18 -2.74 3.21 -3.82
CA ASP A 18 -2.16 4.41 -4.38
C ASP A 18 -0.67 4.12 -4.54
N ARG A 19 0.00 3.83 -3.42
CA ARG A 19 1.43 3.57 -3.39
C ARG A 19 1.79 2.90 -2.09
N CYS A 20 2.87 2.13 -2.09
CA CYS A 20 3.70 2.03 -0.90
C CYS A 20 4.62 3.26 -0.94
N SER A 21 4.43 4.21 -0.03
CA SER A 21 5.14 5.48 -0.06
C SER A 21 5.18 6.06 1.35
N TYR A 22 6.27 6.72 1.72
CA TYR A 22 6.47 7.22 3.08
C TYR A 22 6.25 6.12 4.11
N GLY A 23 6.77 4.92 3.83
CA GLY A 23 6.62 3.74 4.65
C GLY A 23 5.17 3.35 4.96
N THR A 24 4.22 3.88 4.18
CA THR A 24 2.78 3.78 4.37
C THR A 24 2.20 3.17 3.10
N CYS A 25 1.35 2.16 3.22
CA CYS A 25 0.62 1.64 2.07
C CYS A 25 -0.63 2.51 1.89
N TYR A 26 -0.48 3.55 1.09
CA TYR A 26 -1.54 4.47 0.72
C TYR A 26 -2.50 3.76 -0.22
N CYS A 27 -3.83 3.91 0.00
CA CYS A 27 -4.85 3.37 -0.90
C CYS A 27 -5.75 4.47 -1.43
N LYS A 28 -6.32 4.26 -2.63
CA LYS A 28 -7.14 5.24 -3.32
C LYS A 28 -8.44 4.57 -3.78
N THR A 29 -9.22 4.11 -2.81
CA THR A 29 -10.52 3.50 -2.97
C THR A 29 -11.11 3.51 -1.56
N THR A 30 -12.42 3.74 -1.47
CA THR A 30 -13.19 3.82 -0.24
C THR A 30 -14.67 3.80 -0.63
N NH2 A 31 -15.55 4.10 0.31
HN1 NH2 A 31 -15.20 4.42 1.21
HN2 NH2 A 31 -16.54 4.11 0.11
#